data_3RV6
#
_entry.id   3RV6
#
_cell.length_a   52.748
_cell.length_b   91.530
_cell.length_c   96.466
_cell.angle_alpha   90.00
_cell.angle_beta   104.83
_cell.angle_gamma   90.00
#
_symmetry.space_group_name_H-M   'P 1 21 1'
#
loop_
_entity.id
_entity.type
_entity.pdbx_description
1 polymer 'Isochorismate synthase/isochorismate-pyruvate lyase mbtI'
2 non-polymer '3-{[(E)-1-carboxy-2-phenylethenyl]oxy}-2-hydroxybenzoic acid'
3 non-polymer 'MAGNESIUM ION'
4 non-polymer 'SULFATE ION'
5 non-polymer '3-{[(Z)-1-carboxy-2-phenylethenyl]oxy}-2-hydroxybenzoic acid'
6 water water
#
_entity_poly.entity_id   1
_entity_poly.type   'polypeptide(L)'
_entity_poly.pdbx_seq_one_letter_code
;VSELSVATGAVSTASSSIPMPAGVNPADLAAELAAVVTESVDEDYLLYECDGQWVLAAGVQAMVELDSDELRVIRDGVTR
RQQWSGRPGAALGEAVDRLLLETDQAFGWVAFEFGVHRYGLQQRLAPHTPLARVFSPRTRIMVSEKEIRLFDAGIRHREA
IDRLLATGVREVPQSRSVDVSDDPSGFRRRVAVAVDEIAAGRYHKVILSRCVEVPFAIDFPLTYRLGRRHNTPVRSFLLQ
LGGIRALGYSPELVTAVRADGVVITEPLAGTRALGRGPAIDRLARDDLESNSKEIVEHAISVRSSLEEITDIAEPGSAAV
IDFMTVRERGSVQHLGSTIRARLDPSSDRMAALEALFPAVTASGIPKAAGVEAIFRLDECPRGLYSGAVVMLSADGGLDA
ALTLRAAYQVGGRTWLRAGAGIIEESEPEREFEETCEKLSTLTPYLVARQ
;
_entity_poly.pdbx_strand_id   A,B
#
# COMPACT_ATOMS: atom_id res chain seq x y z
N SER A 15 -51.43 -11.94 -11.67
CA SER A 15 -50.67 -13.11 -11.25
C SER A 15 -49.21 -12.79 -10.81
N SER A 16 -48.75 -11.53 -11.02
CA SER A 16 -47.41 -11.09 -10.61
C SER A 16 -47.36 -10.61 -9.14
N SER A 17 -48.49 -10.77 -8.42
CA SER A 17 -48.62 -10.46 -7.00
C SER A 17 -49.47 -11.56 -6.32
N ILE A 18 -48.80 -12.50 -5.61
CA ILE A 18 -49.38 -13.64 -4.91
C ILE A 18 -49.53 -13.22 -3.43
N PRO A 19 -50.74 -13.28 -2.83
CA PRO A 19 -50.86 -12.86 -1.43
C PRO A 19 -50.13 -13.83 -0.50
N MET A 20 -49.41 -13.28 0.50
CA MET A 20 -48.59 -14.06 1.41
C MET A 20 -49.47 -14.78 2.45
N PRO A 21 -49.48 -16.14 2.49
CA PRO A 21 -50.33 -16.82 3.48
C PRO A 21 -49.96 -16.46 4.91
N ALA A 22 -50.96 -16.38 5.79
N ALA A 22 -50.97 -16.40 5.79
CA ALA A 22 -50.76 -16.07 7.21
CA ALA A 22 -50.92 -16.01 7.21
C ALA A 22 -50.01 -17.22 7.86
C ALA A 22 -49.76 -16.54 8.07
N GLY A 23 -49.12 -16.89 8.79
N GLY A 23 -49.69 -17.86 8.26
CA GLY A 23 -48.29 -17.87 9.50
CA GLY A 23 -48.67 -18.50 9.10
C GLY A 23 -46.99 -18.20 8.80
C GLY A 23 -47.38 -18.85 8.37
N VAL A 24 -46.92 -17.98 7.47
CA VAL A 24 -45.71 -18.23 6.68
C VAL A 24 -44.73 -17.08 6.92
N ASN A 25 -43.57 -17.39 7.46
CA ASN A 25 -42.53 -16.41 7.73
C ASN A 25 -41.83 -16.01 6.41
N PRO A 26 -41.76 -14.70 6.07
CA PRO A 26 -41.12 -14.31 4.79
C PRO A 26 -39.65 -14.73 4.61
N ALA A 27 -38.85 -14.75 5.70
CA ALA A 27 -37.45 -15.17 5.62
C ALA A 27 -37.32 -16.65 5.25
N ASP A 28 -38.22 -17.49 5.77
CA ASP A 28 -38.23 -18.92 5.48
C ASP A 28 -38.65 -19.18 4.06
N LEU A 29 -39.70 -18.49 3.60
CA LEU A 29 -40.18 -18.67 2.24
C LEU A 29 -39.16 -18.16 1.20
N ALA A 30 -38.58 -16.97 1.43
CA ALA A 30 -37.60 -16.39 0.53
C ALA A 30 -36.32 -17.28 0.41
N ALA A 31 -35.82 -17.81 1.54
CA ALA A 31 -34.63 -18.67 1.54
C ALA A 31 -34.92 -20.02 0.89
N GLU A 32 -36.11 -20.58 1.14
CA GLU A 32 -36.51 -21.84 0.51
C GLU A 32 -36.65 -21.68 -0.99
N LEU A 33 -37.19 -20.53 -1.42
CA LEU A 33 -37.34 -20.21 -2.83
C LEU A 33 -35.98 -20.17 -3.51
N ALA A 34 -34.95 -19.61 -2.84
CA ALA A 34 -33.58 -19.53 -3.35
C ALA A 34 -33.05 -20.97 -3.60
N ALA A 35 -33.25 -21.85 -2.63
CA ALA A 35 -32.83 -23.26 -2.73
C ALA A 35 -33.62 -24.02 -3.82
N VAL A 36 -34.94 -23.84 -3.85
CA VAL A 36 -35.82 -24.53 -4.82
C VAL A 36 -35.61 -24.06 -6.27
N VAL A 37 -35.66 -22.76 -6.54
CA VAL A 37 -35.51 -22.28 -7.94
C VAL A 37 -34.16 -22.66 -8.56
N THR A 38 -33.16 -22.97 -7.71
CA THR A 38 -31.82 -23.34 -8.18
C THR A 38 -31.45 -24.78 -7.88
N GLU A 39 -32.42 -25.64 -7.57
CA GLU A 39 -32.10 -27.03 -7.25
C GLU A 39 -31.65 -27.85 -8.48
N SER A 40 -32.13 -27.47 -9.69
CA SER A 40 -31.78 -28.12 -10.97
C SER A 40 -31.08 -27.11 -11.89
N VAL A 41 -31.61 -25.88 -11.97
CA VAL A 41 -30.98 -24.80 -12.74
C VAL A 41 -29.91 -24.26 -11.79
N ASP A 42 -28.68 -24.69 -12.02
CA ASP A 42 -27.54 -24.33 -11.16
C ASP A 42 -27.10 -22.87 -11.40
N GLU A 43 -28.02 -21.91 -11.18
CA GLU A 43 -27.69 -20.50 -11.37
C GLU A 43 -27.35 -19.82 -10.05
N ASP A 44 -26.72 -18.66 -10.16
CA ASP A 44 -26.34 -17.86 -9.01
C ASP A 44 -27.52 -17.00 -8.53
N TYR A 45 -27.43 -16.48 -7.31
CA TYR A 45 -28.50 -15.67 -6.73
C TYR A 45 -28.02 -14.84 -5.58
N LEU A 46 -28.84 -13.89 -5.18
CA LEU A 46 -28.56 -13.08 -4.02
C LEU A 46 -29.91 -12.72 -3.38
N LEU A 47 -30.05 -13.05 -2.10
CA LEU A 47 -31.25 -12.71 -1.34
C LEU A 47 -30.88 -11.58 -0.38
N TYR A 48 -31.60 -10.45 -0.46
CA TYR A 48 -31.32 -9.29 0.39
C TYR A 48 -32.53 -8.87 1.20
N GLU A 49 -32.43 -8.89 2.54
CA GLU A 49 -33.55 -8.43 3.38
C GLU A 49 -33.37 -6.94 3.65
N CYS A 50 -34.36 -6.14 3.25
CA CYS A 50 -34.31 -4.70 3.38
C CYS A 50 -35.65 -4.11 3.78
N ASP A 51 -35.78 -3.67 5.05
CA ASP A 51 -37.00 -3.07 5.61
C ASP A 51 -38.28 -3.89 5.36
N GLY A 52 -38.26 -5.13 5.80
CA GLY A 52 -39.37 -6.06 5.68
C GLY A 52 -39.58 -6.68 4.31
N GLN A 53 -38.71 -6.36 3.34
CA GLN A 53 -38.77 -6.94 1.99
C GLN A 53 -37.58 -7.84 1.79
N TRP A 54 -37.84 -9.12 1.46
CA TRP A 54 -36.78 -10.07 1.16
C TRP A 54 -36.75 -10.14 -0.35
N VAL A 55 -35.74 -9.53 -0.95
CA VAL A 55 -35.63 -9.49 -2.41
C VAL A 55 -34.70 -10.59 -2.89
N LEU A 56 -35.25 -11.58 -3.59
CA LEU A 56 -34.45 -12.64 -4.16
C LEU A 56 -34.14 -12.25 -5.61
N ALA A 57 -32.85 -12.00 -5.91
CA ALA A 57 -32.35 -11.68 -7.25
C ALA A 57 -31.81 -12.99 -7.81
N ALA A 58 -32.56 -13.64 -8.72
CA ALA A 58 -32.22 -14.98 -9.22
C ALA A 58 -31.72 -15.04 -10.66
N GLY A 59 -30.55 -15.67 -10.84
CA GLY A 59 -29.91 -15.84 -12.14
C GLY A 59 -29.16 -14.60 -12.57
N VAL A 60 -28.09 -14.79 -13.33
CA VAL A 60 -27.26 -13.68 -13.75
C VAL A 60 -27.54 -13.31 -15.22
N GLN A 61 -28.08 -12.13 -15.44
CA GLN A 61 -28.31 -11.62 -16.76
C GLN A 61 -27.05 -10.98 -17.27
N ALA A 62 -26.43 -10.18 -16.43
CA ALA A 62 -25.13 -9.54 -16.76
C ALA A 62 -24.35 -9.33 -15.47
N MET A 63 -23.04 -9.52 -15.51
CA MET A 63 -22.16 -9.45 -14.35
C MET A 63 -21.06 -8.39 -14.51
N VAL A 64 -20.91 -7.52 -13.50
CA VAL A 64 -19.81 -6.54 -13.48
C VAL A 64 -18.81 -7.04 -12.43
N GLU A 65 -17.56 -7.29 -12.84
CA GLU A 65 -16.50 -7.72 -11.94
C GLU A 65 -15.40 -6.67 -11.89
N LEU A 66 -15.30 -5.97 -10.76
CA LEU A 66 -14.24 -4.98 -10.57
C LEU A 66 -13.12 -5.59 -9.73
N ASP A 67 -11.90 -5.68 -10.29
CA ASP A 67 -10.73 -6.16 -9.54
C ASP A 67 -9.80 -4.96 -9.42
N SER A 68 -8.74 -5.07 -8.63
CA SER A 68 -7.78 -3.98 -8.42
C SER A 68 -7.11 -3.51 -9.73
N ASP A 69 -6.87 -4.45 -10.66
CA ASP A 69 -6.18 -4.20 -11.93
C ASP A 69 -7.03 -4.41 -13.19
N GLU A 70 -8.31 -4.81 -13.05
CA GLU A 70 -9.12 -5.09 -14.23
C GLU A 70 -10.60 -4.92 -13.94
N LEU A 71 -11.35 -4.51 -14.99
CA LEU A 71 -12.80 -4.41 -14.96
C LEU A 71 -13.32 -5.35 -16.05
N ARG A 72 -14.21 -6.27 -15.67
CA ARG A 72 -14.84 -7.22 -16.61
C ARG A 72 -16.35 -7.05 -16.59
N VAL A 73 -16.97 -7.14 -17.76
CA VAL A 73 -18.41 -7.11 -17.96
C VAL A 73 -18.72 -8.39 -18.72
N ILE A 74 -19.48 -9.29 -18.09
CA ILE A 74 -19.82 -10.60 -18.63
C ILE A 74 -21.31 -10.66 -18.90
N ARG A 75 -21.68 -10.88 -20.17
CA ARG A 75 -23.05 -10.89 -20.66
C ARG A 75 -23.16 -11.84 -21.83
N ASP A 76 -24.14 -12.76 -21.78
CA ASP A 76 -24.45 -13.76 -22.83
C ASP A 76 -23.22 -14.60 -23.22
N GLY A 77 -22.53 -15.13 -22.21
CA GLY A 77 -21.32 -15.94 -22.41
C GLY A 77 -20.12 -15.22 -22.99
N VAL A 78 -20.19 -13.88 -23.09
CA VAL A 78 -19.11 -13.05 -23.63
C VAL A 78 -18.53 -12.11 -22.53
N THR A 79 -17.20 -12.17 -22.31
CA THR A 79 -16.47 -11.31 -21.36
C THR A 79 -15.76 -10.20 -22.11
N ARG A 80 -15.94 -8.96 -21.66
CA ARG A 80 -15.23 -7.78 -22.14
C ARG A 80 -14.34 -7.35 -20.98
N ARG A 81 -13.02 -7.31 -21.19
CA ARG A 81 -11.99 -6.98 -20.18
C ARG A 81 -11.36 -5.66 -20.52
N GLN A 82 -11.01 -4.89 -19.50
CA GLN A 82 -10.31 -3.62 -19.69
C GLN A 82 -9.62 -3.21 -18.44
N GLN A 83 -8.66 -2.31 -18.62
CA GLN A 83 -7.96 -1.67 -17.52
C GLN A 83 -8.83 -0.50 -17.15
N TRP A 84 -8.72 -0.05 -15.90
CA TRP A 84 -9.41 1.12 -15.41
C TRP A 84 -8.41 1.98 -14.65
N SER A 85 -8.63 3.29 -14.64
CA SER A 85 -7.79 4.24 -13.94
C SER A 85 -8.73 5.10 -13.07
N GLY A 86 -8.15 5.92 -12.22
CA GLY A 86 -8.94 6.78 -11.35
C GLY A 86 -9.42 6.02 -10.14
N ARG A 87 -10.54 6.46 -9.59
CA ARG A 87 -11.14 5.89 -8.40
C ARG A 87 -12.04 4.68 -8.68
N PRO A 88 -12.02 3.65 -7.80
CA PRO A 88 -12.84 2.44 -8.04
C PRO A 88 -14.34 2.69 -8.14
N GLY A 89 -14.86 3.66 -7.36
CA GLY A 89 -16.27 4.05 -7.35
C GLY A 89 -16.72 4.55 -8.72
N ALA A 90 -15.84 5.31 -9.41
CA ALA A 90 -16.11 5.86 -10.75
C ALA A 90 -16.16 4.74 -11.78
N ALA A 91 -15.24 3.76 -11.70
CA ALA A 91 -15.23 2.64 -12.65
C ALA A 91 -16.43 1.72 -12.40
N LEU A 92 -16.74 1.47 -11.11
CA LEU A 92 -17.88 0.64 -10.74
C LEU A 92 -19.21 1.32 -11.09
N GLY A 93 -19.34 2.61 -10.77
CA GLY A 93 -20.53 3.42 -11.06
C GLY A 93 -20.87 3.45 -12.53
N GLU A 94 -19.84 3.67 -13.39
CA GLU A 94 -20.00 3.69 -14.85
C GLU A 94 -20.55 2.36 -15.40
N ALA A 95 -19.99 1.25 -14.95
CA ALA A 95 -20.42 -0.06 -15.40
C ALA A 95 -21.82 -0.46 -14.83
N VAL A 96 -22.09 -0.12 -13.56
CA VAL A 96 -23.39 -0.39 -12.93
C VAL A 96 -24.52 0.46 -13.55
N ASP A 97 -24.27 1.77 -13.79
CA ASP A 97 -25.25 2.66 -14.46
C ASP A 97 -25.67 2.08 -15.82
N ARG A 98 -24.73 1.48 -16.55
CA ARG A 98 -25.00 0.81 -17.83
C ARG A 98 -25.88 -0.40 -17.66
N LEU A 99 -25.63 -1.27 -16.65
CA LEU A 99 -26.53 -2.41 -16.36
C LEU A 99 -27.95 -1.91 -16.15
N LEU A 100 -28.07 -0.77 -15.44
CA LEU A 100 -29.34 -0.20 -15.00
C LEU A 100 -30.11 0.62 -16.04
N LEU A 101 -29.55 0.73 -17.26
CA LEU A 101 -30.23 1.45 -18.34
C LEU A 101 -31.48 0.69 -18.78
N GLU A 102 -31.44 -0.66 -18.70
CA GLU A 102 -32.51 -1.55 -19.14
C GLU A 102 -33.04 -2.50 -18.06
N THR A 103 -32.63 -2.32 -16.80
CA THR A 103 -33.11 -3.13 -15.67
C THR A 103 -33.41 -2.23 -14.47
N ASP A 104 -34.33 -2.66 -13.59
CA ASP A 104 -34.69 -1.83 -12.45
C ASP A 104 -33.67 -1.87 -11.34
N GLN A 105 -33.11 -3.07 -11.05
CA GLN A 105 -32.18 -3.23 -9.92
C GLN A 105 -31.01 -4.12 -10.21
N ALA A 106 -29.90 -3.87 -9.47
CA ALA A 106 -28.66 -4.64 -9.55
C ALA A 106 -28.23 -4.96 -8.12
N PHE A 107 -27.59 -6.10 -7.95
CA PHE A 107 -27.24 -6.59 -6.61
C PHE A 107 -25.81 -7.06 -6.60
N GLY A 108 -25.23 -7.13 -5.42
CA GLY A 108 -23.89 -7.68 -5.30
C GLY A 108 -23.20 -7.41 -4.01
N TRP A 109 -21.88 -7.41 -4.08
CA TRP A 109 -21.05 -7.17 -2.92
C TRP A 109 -19.84 -6.35 -3.24
N VAL A 110 -19.36 -5.64 -2.23
CA VAL A 110 -18.22 -4.75 -2.33
C VAL A 110 -17.24 -5.21 -1.24
N ALA A 111 -15.99 -5.42 -1.64
CA ALA A 111 -14.90 -5.85 -0.75
C ALA A 111 -14.46 -4.74 0.20
N PHE A 112 -13.84 -5.11 1.32
CA PHE A 112 -13.20 -4.14 2.22
C PHE A 112 -12.18 -3.32 1.40
N GLU A 113 -11.50 -4.00 0.46
CA GLU A 113 -10.45 -3.42 -0.41
C GLU A 113 -10.93 -2.31 -1.33
N PHE A 114 -12.22 -2.25 -1.62
CA PHE A 114 -12.76 -1.17 -2.42
C PHE A 114 -12.53 0.18 -1.67
N GLY A 115 -12.51 0.14 -0.33
CA GLY A 115 -12.35 1.31 0.52
C GLY A 115 -10.94 1.84 0.74
N VAL A 116 -9.92 1.11 0.27
CA VAL A 116 -8.51 1.43 0.55
C VAL A 116 -7.89 2.52 -0.29
N HIS A 117 -8.35 2.69 -1.53
CA HIS A 117 -7.83 3.67 -2.47
C HIS A 117 -7.89 5.09 -1.91
N ARG A 118 -8.98 5.42 -1.20
CA ARG A 118 -9.19 6.71 -0.52
C ARG A 118 -8.06 6.98 0.53
N TYR A 119 -7.48 5.92 1.14
CA TYR A 119 -6.46 6.03 2.19
C TYR A 119 -5.03 5.74 1.72
N GLY A 120 -4.81 5.87 0.41
CA GLY A 120 -3.54 5.70 -0.29
C GLY A 120 -2.90 4.35 -0.19
N LEU A 121 -3.71 3.26 -0.25
CA LEU A 121 -3.18 1.90 -0.10
C LEU A 121 -3.45 0.99 -1.28
N GLN A 122 -3.85 1.56 -2.43
CA GLN A 122 -4.13 0.78 -3.66
C GLN A 122 -2.92 0.00 -4.15
N GLN A 123 -1.72 0.57 -4.01
CA GLN A 123 -0.46 -0.05 -4.44
C GLN A 123 -0.14 -1.29 -3.62
N ARG A 124 -0.79 -1.44 -2.45
CA ARG A 124 -0.61 -2.60 -1.58
C ARG A 124 -1.50 -3.79 -1.90
N LEU A 125 -2.37 -3.65 -2.94
CA LEU A 125 -3.23 -4.75 -3.39
C LEU A 125 -2.49 -5.56 -4.44
N ALA A 126 -2.49 -6.89 -4.27
CA ALA A 126 -1.92 -7.85 -5.19
C ALA A 126 -2.74 -7.82 -6.48
N PRO A 127 -2.20 -8.19 -7.67
CA PRO A 127 -3.04 -8.23 -8.88
C PRO A 127 -4.21 -9.21 -8.65
N HIS A 128 -5.31 -8.97 -9.32
CA HIS A 128 -6.50 -9.79 -9.21
C HIS A 128 -7.23 -9.70 -7.87
N THR A 129 -7.04 -8.63 -7.13
CA THR A 129 -7.74 -8.49 -5.85
C THR A 129 -9.18 -8.08 -6.17
N PRO A 130 -10.21 -8.86 -5.79
CA PRO A 130 -11.61 -8.44 -6.04
C PRO A 130 -11.96 -7.21 -5.22
N LEU A 131 -12.64 -6.26 -5.89
CA LEU A 131 -13.10 -5.03 -5.25
C LEU A 131 -14.61 -5.04 -5.19
N ALA A 132 -15.27 -5.56 -6.24
CA ALA A 132 -16.75 -5.60 -6.28
C ALA A 132 -17.25 -6.58 -7.30
N ARG A 133 -18.45 -7.13 -7.06
CA ARG A 133 -19.17 -8.05 -7.96
C ARG A 133 -20.62 -7.61 -7.94
N VAL A 134 -21.13 -7.06 -9.06
CA VAL A 134 -22.50 -6.56 -9.13
C VAL A 134 -23.18 -7.16 -10.37
N PHE A 135 -24.40 -7.72 -10.20
CA PHE A 135 -25.11 -8.29 -11.36
C PHE A 135 -26.50 -7.76 -11.50
N SER A 136 -27.04 -7.83 -12.72
CA SER A 136 -28.44 -7.57 -12.99
C SER A 136 -29.08 -8.98 -13.00
N PRO A 137 -30.16 -9.19 -12.24
CA PRO A 137 -30.76 -10.54 -12.17
C PRO A 137 -31.68 -10.88 -13.34
N ARG A 138 -31.87 -12.19 -13.61
CA ARG A 138 -32.83 -12.62 -14.65
C ARG A 138 -34.25 -12.47 -14.08
N THR A 139 -34.41 -12.76 -12.79
CA THR A 139 -35.71 -12.70 -12.15
C THR A 139 -35.56 -12.15 -10.76
N ARG A 140 -36.60 -11.45 -10.30
CA ARG A 140 -36.67 -10.98 -8.91
C ARG A 140 -37.97 -11.46 -8.31
N ILE A 141 -37.89 -11.97 -7.08
CA ILE A 141 -39.06 -12.36 -6.28
C ILE A 141 -38.94 -11.58 -4.97
N MET A 142 -39.96 -10.76 -4.66
CA MET A 142 -39.96 -9.94 -3.44
C MET A 142 -40.97 -10.53 -2.48
N VAL A 143 -40.51 -10.91 -1.29
CA VAL A 143 -41.35 -11.53 -0.28
C VAL A 143 -41.43 -10.65 0.97
N SER A 144 -42.65 -10.34 1.42
CA SER A 144 -42.90 -9.59 2.66
C SER A 144 -44.03 -10.28 3.43
N GLU A 145 -44.44 -9.73 4.56
CA GLU A 145 -45.57 -10.23 5.35
C GLU A 145 -46.85 -10.00 4.51
N LYS A 146 -46.90 -8.88 3.76
CA LYS A 146 -48.02 -8.49 2.92
C LYS A 146 -48.17 -9.35 1.67
N GLU A 147 -47.09 -9.47 0.85
CA GLU A 147 -47.20 -10.20 -0.40
C GLU A 147 -45.89 -10.76 -0.99
N ILE A 148 -46.04 -11.48 -2.12
CA ILE A 148 -45.00 -12.05 -2.95
C ILE A 148 -45.15 -11.35 -4.31
N ARG A 149 -44.12 -10.64 -4.75
CA ARG A 149 -44.17 -9.93 -6.03
C ARG A 149 -43.16 -10.57 -6.96
N LEU A 150 -43.55 -10.77 -8.20
CA LEU A 150 -42.73 -11.44 -9.19
C LEU A 150 -42.36 -10.49 -10.31
N PHE A 151 -41.07 -10.49 -10.71
CA PHE A 151 -40.55 -9.62 -11.77
C PHE A 151 -39.77 -10.49 -12.74
N ASP A 152 -40.21 -10.54 -14.02
CA ASP A 152 -39.59 -11.35 -15.08
C ASP A 152 -39.49 -12.85 -14.69
N ALA A 153 -40.50 -13.34 -14.00
CA ALA A 153 -40.57 -14.72 -13.56
C ALA A 153 -41.18 -15.62 -14.63
N GLY A 154 -40.70 -16.85 -14.66
CA GLY A 154 -41.20 -17.89 -15.55
C GLY A 154 -42.00 -18.92 -14.78
N ILE A 155 -42.36 -20.04 -15.45
CA ILE A 155 -43.11 -21.15 -14.86
C ILE A 155 -42.34 -21.77 -13.69
N ARG A 156 -41.01 -21.89 -13.82
CA ARG A 156 -40.15 -22.46 -12.75
C ARG A 156 -40.37 -21.78 -11.40
N HIS A 157 -40.37 -20.45 -11.40
CA HIS A 157 -40.52 -19.60 -10.21
C HIS A 157 -41.93 -19.69 -9.62
N ARG A 158 -42.94 -19.65 -10.50
CA ARG A 158 -44.35 -19.71 -10.13
C ARG A 158 -44.69 -21.06 -9.51
N GLU A 159 -44.17 -22.12 -10.09
CA GLU A 159 -44.41 -23.48 -9.59
C GLU A 159 -43.67 -23.71 -8.29
N ALA A 160 -42.50 -23.05 -8.12
CA ALA A 160 -41.74 -23.16 -6.90
C ALA A 160 -42.55 -22.51 -5.75
N ILE A 161 -43.21 -21.37 -6.01
CA ILE A 161 -44.02 -20.68 -5.00
C ILE A 161 -45.25 -21.54 -4.61
N ASP A 162 -46.03 -22.01 -5.62
CA ASP A 162 -47.21 -22.85 -5.41
C ASP A 162 -46.88 -24.08 -4.59
N ARG A 163 -45.76 -24.75 -4.92
CA ARG A 163 -45.29 -25.96 -4.23
C ARG A 163 -44.94 -25.71 -2.78
N LEU A 164 -44.22 -24.61 -2.51
CA LEU A 164 -43.86 -24.26 -1.14
C LEU A 164 -45.08 -23.84 -0.34
N LEU A 165 -46.03 -23.15 -0.96
CA LEU A 165 -47.24 -22.75 -0.23
C LEU A 165 -48.14 -23.98 0.03
N ALA A 166 -48.18 -24.92 -0.92
CA ALA A 166 -48.98 -26.14 -0.82
C ALA A 166 -48.40 -27.16 0.17
N THR A 167 -47.09 -27.44 0.07
CA THR A 167 -46.38 -28.45 0.86
C THR A 167 -45.70 -27.91 2.11
N GLY A 168 -45.37 -26.62 2.13
CA GLY A 168 -44.67 -26.02 3.24
C GLY A 168 -43.17 -26.05 3.03
N VAL A 169 -42.45 -25.27 3.83
CA VAL A 169 -40.98 -25.19 3.79
C VAL A 169 -40.39 -26.44 4.49
N ARG A 170 -39.12 -26.80 4.19
CA ARG A 170 -38.46 -27.92 4.87
C ARG A 170 -38.32 -27.60 6.36
N GLU A 171 -38.42 -28.63 7.20
CA GLU A 171 -38.19 -28.49 8.63
C GLU A 171 -36.68 -28.24 8.70
N VAL A 172 -36.22 -27.31 9.53
CA VAL A 172 -34.79 -27.05 9.61
C VAL A 172 -34.11 -28.19 10.40
N PRO A 173 -33.11 -28.90 9.82
CA PRO A 173 -32.43 -29.96 10.60
C PRO A 173 -31.72 -29.41 11.84
N GLN A 174 -31.29 -30.32 12.73
CA GLN A 174 -30.52 -29.95 13.92
C GLN A 174 -29.17 -29.37 13.47
N SER A 175 -28.70 -28.34 14.18
CA SER A 175 -27.43 -27.70 13.88
C SER A 175 -26.26 -28.58 14.35
N ARG A 176 -25.04 -28.32 13.84
CA ARG A 176 -23.83 -29.06 14.20
C ARG A 176 -22.87 -28.08 14.86
N SER A 177 -22.28 -28.50 15.99
CA SER A 177 -21.40 -27.62 16.76
C SER A 177 -20.03 -27.43 16.16
N VAL A 178 -19.42 -26.27 16.47
CA VAL A 178 -18.11 -25.85 16.01
C VAL A 178 -17.28 -25.33 17.18
N ASP A 179 -15.98 -25.62 17.17
CA ASP A 179 -15.09 -25.18 18.22
C ASP A 179 -14.33 -23.93 17.80
N VAL A 180 -14.74 -22.78 18.34
CA VAL A 180 -14.16 -21.48 18.04
C VAL A 180 -13.01 -21.01 18.92
N SER A 181 -12.54 -21.87 19.80
CA SER A 181 -11.56 -21.54 20.80
C SER A 181 -10.11 -21.48 20.34
N ASP A 182 -9.82 -22.10 19.20
CA ASP A 182 -8.56 -22.21 18.52
C ASP A 182 -8.07 -20.81 18.06
N ASP A 183 -6.77 -20.57 17.94
CA ASP A 183 -6.24 -19.27 17.51
C ASP A 183 -5.01 -19.39 16.65
N PRO A 184 -5.14 -20.08 15.56
CA PRO A 184 -4.04 -20.29 14.62
C PRO A 184 -3.54 -19.10 13.84
N SER A 185 -4.31 -18.04 13.72
CA SER A 185 -3.85 -16.82 13.04
C SER A 185 -3.15 -15.83 14.00
N GLY A 186 -2.98 -16.23 15.25
CA GLY A 186 -2.31 -15.42 16.26
C GLY A 186 -3.02 -14.13 16.64
N PHE A 187 -4.37 -14.16 16.77
CA PHE A 187 -5.16 -12.97 17.13
C PHE A 187 -4.63 -12.25 18.39
N ARG A 188 -4.37 -13.00 19.50
CA ARG A 188 -3.87 -12.48 20.79
C ARG A 188 -2.55 -11.74 20.63
N ARG A 189 -1.68 -12.30 19.83
CA ARG A 189 -0.37 -11.78 19.44
C ARG A 189 -0.53 -10.47 18.60
N ARG A 190 -1.47 -10.46 17.64
CA ARG A 190 -1.74 -9.30 16.76
C ARG A 190 -2.32 -8.12 17.55
N VAL A 191 -3.21 -8.43 18.51
CA VAL A 191 -3.80 -7.44 19.42
C VAL A 191 -2.68 -6.78 20.25
N ALA A 192 -1.71 -7.58 20.73
CA ALA A 192 -0.63 -7.04 21.56
C ALA A 192 0.21 -6.03 20.79
N VAL A 193 0.44 -6.27 19.48
CA VAL A 193 1.16 -5.35 18.61
C VAL A 193 0.37 -4.04 18.43
N ALA A 194 -0.96 -4.15 18.18
CA ALA A 194 -1.84 -2.99 18.02
C ALA A 194 -1.84 -2.14 19.29
N VAL A 195 -1.95 -2.78 20.47
CA VAL A 195 -1.93 -2.07 21.77
C VAL A 195 -0.62 -1.27 21.93
N ASP A 196 0.53 -1.85 21.51
CA ASP A 196 1.83 -1.19 21.55
C ASP A 196 1.88 -0.01 20.61
N GLU A 197 1.34 -0.13 19.39
CA GLU A 197 1.31 0.97 18.43
C GLU A 197 0.41 2.11 18.92
N ILE A 198 -0.70 1.75 19.58
CA ILE A 198 -1.63 2.73 20.15
C ILE A 198 -0.90 3.51 21.26
N ALA A 199 -0.23 2.78 22.18
CA ALA A 199 0.54 3.37 23.28
C ALA A 199 1.67 4.27 22.77
N ALA A 200 2.25 3.94 21.59
CA ALA A 200 3.28 4.72 20.91
C ALA A 200 2.71 5.94 20.14
N GLY A 201 1.38 6.11 20.18
CA GLY A 201 0.66 7.19 19.52
C GLY A 201 0.47 7.09 18.02
N ARG A 202 0.66 5.88 17.43
CA ARG A 202 0.51 5.66 15.99
C ARG A 202 -0.90 5.91 15.46
N TYR A 203 -1.91 5.53 16.26
CA TYR A 203 -3.37 5.67 16.03
C TYR A 203 -4.08 5.43 17.38
N HIS A 204 -5.42 5.64 17.46
CA HIS A 204 -6.19 5.44 18.71
C HIS A 204 -6.96 4.14 18.72
N LYS A 205 -7.39 3.68 17.56
CA LYS A 205 -8.21 2.47 17.50
C LYS A 205 -7.99 1.72 16.21
N VAL A 206 -8.06 0.36 16.27
CA VAL A 206 -7.99 -0.49 15.10
C VAL A 206 -8.90 -1.68 15.35
N ILE A 207 -9.59 -2.13 14.31
CA ILE A 207 -10.43 -3.32 14.41
C ILE A 207 -9.59 -4.45 13.84
N LEU A 208 -9.36 -5.48 14.65
CA LEU A 208 -8.65 -6.67 14.21
C LEU A 208 -9.60 -7.84 14.29
N SER A 209 -9.41 -8.84 13.43
CA SER A 209 -10.33 -9.96 13.35
C SER A 209 -9.61 -11.28 13.27
N ARG A 210 -10.36 -12.36 13.25
CA ARG A 210 -9.79 -13.69 13.06
C ARG A 210 -10.79 -14.55 12.29
N CYS A 211 -10.28 -15.41 11.42
CA CYS A 211 -11.07 -16.40 10.70
C CYS A 211 -11.18 -17.63 11.59
N VAL A 212 -12.33 -18.32 11.49
CA VAL A 212 -12.57 -19.58 12.21
C VAL A 212 -13.00 -20.56 11.14
N GLU A 213 -12.16 -21.56 10.86
CA GLU A 213 -12.50 -22.56 9.83
C GLU A 213 -13.62 -23.47 10.32
N VAL A 214 -14.63 -23.72 9.48
CA VAL A 214 -15.73 -24.62 9.81
C VAL A 214 -15.32 -25.96 9.15
N PRO A 215 -15.16 -27.05 9.95
CA PRO A 215 -14.63 -28.30 9.39
C PRO A 215 -15.62 -29.18 8.63
N PHE A 216 -16.76 -28.61 8.24
CA PHE A 216 -17.78 -29.31 7.48
C PHE A 216 -18.46 -28.31 6.56
N ALA A 217 -18.97 -28.77 5.44
CA ALA A 217 -19.69 -27.89 4.51
C ALA A 217 -21.09 -27.62 5.05
N ILE A 218 -21.54 -26.36 4.95
CA ILE A 218 -22.84 -26.04 5.52
C ILE A 218 -23.88 -25.87 4.43
N ASP A 219 -25.17 -26.05 4.78
CA ASP A 219 -26.27 -25.75 3.87
C ASP A 219 -26.58 -24.27 4.12
N PHE A 220 -26.20 -23.39 3.18
CA PHE A 220 -26.37 -21.93 3.32
C PHE A 220 -27.84 -21.50 3.46
N PRO A 221 -28.80 -21.93 2.61
CA PRO A 221 -30.21 -21.53 2.84
C PRO A 221 -30.80 -21.98 4.18
N LEU A 222 -30.51 -23.22 4.62
CA LEU A 222 -31.01 -23.73 5.90
C LEU A 222 -30.38 -23.03 7.11
N THR A 223 -29.04 -22.81 7.07
CA THR A 223 -28.32 -22.05 8.12
C THR A 223 -28.88 -20.62 8.14
N TYR A 224 -29.10 -20.00 6.95
CA TYR A 224 -29.64 -18.65 6.88
C TYR A 224 -30.96 -18.61 7.66
N ARG A 225 -31.89 -19.54 7.34
CA ARG A 225 -33.20 -19.64 7.98
C ARG A 225 -33.10 -19.79 9.48
N LEU A 226 -32.24 -20.70 9.94
CA LEU A 226 -32.04 -20.96 11.37
C LEU A 226 -31.46 -19.73 12.13
N GLY A 227 -30.40 -19.16 11.59
CA GLY A 227 -29.77 -17.97 12.17
C GLY A 227 -30.72 -16.78 12.21
N ARG A 228 -31.55 -16.64 11.16
CA ARG A 228 -32.54 -15.56 11.04
C ARG A 228 -33.65 -15.61 12.10
N ARG A 229 -33.91 -16.82 12.64
CA ARG A 229 -34.91 -17.08 13.67
C ARG A 229 -34.42 -16.57 15.04
N HIS A 230 -33.10 -16.40 15.21
CA HIS A 230 -32.47 -16.01 16.47
C HIS A 230 -31.65 -14.71 16.41
N ASN A 231 -31.83 -13.94 15.35
CA ASN A 231 -31.16 -12.67 15.13
C ASN A 231 -32.16 -11.75 14.46
N THR A 232 -32.20 -10.49 14.84
CA THR A 232 -33.07 -9.53 14.15
C THR A 232 -32.13 -8.39 13.70
N PRO A 233 -31.53 -8.52 12.50
CA PRO A 233 -30.55 -7.51 12.07
C PRO A 233 -31.18 -6.32 11.37
N VAL A 234 -30.37 -5.32 11.01
CA VAL A 234 -30.82 -4.15 10.26
C VAL A 234 -31.05 -4.61 8.81
N ARG A 235 -30.14 -5.50 8.33
CA ARG A 235 -30.24 -6.13 7.01
C ARG A 235 -29.74 -7.57 7.13
N SER A 236 -30.13 -8.41 6.19
CA SER A 236 -29.59 -9.77 6.11
C SER A 236 -29.43 -10.19 4.66
N PHE A 237 -28.64 -11.23 4.42
CA PHE A 237 -28.42 -11.67 3.05
C PHE A 237 -28.06 -13.11 3.01
N LEU A 238 -28.21 -13.68 1.82
CA LEU A 238 -27.89 -15.07 1.47
C LEU A 238 -27.56 -15.04 0.02
N LEU A 239 -26.39 -15.56 -0.35
CA LEU A 239 -25.99 -15.52 -1.76
C LEU A 239 -25.16 -16.69 -2.20
N GLN A 240 -25.13 -16.88 -3.49
CA GLN A 240 -24.21 -17.71 -4.21
C GLN A 240 -23.96 -17.01 -5.49
N LEU A 241 -22.72 -16.62 -5.66
CA LEU A 241 -22.30 -15.78 -6.74
C LEU A 241 -20.83 -16.01 -7.07
N GLY A 242 -20.55 -16.31 -8.32
CA GLY A 242 -19.24 -16.74 -8.71
C GLY A 242 -18.75 -17.90 -7.86
N GLY A 243 -17.56 -17.80 -7.38
CA GLY A 243 -17.14 -18.90 -6.57
C GLY A 243 -17.57 -18.85 -5.12
N ILE A 244 -18.46 -17.96 -4.75
CA ILE A 244 -18.70 -17.67 -3.37
C ILE A 244 -20.11 -17.91 -2.92
N ARG A 245 -20.23 -18.60 -1.80
CA ARG A 245 -21.43 -18.60 -0.99
C ARG A 245 -21.24 -17.78 0.30
N ALA A 246 -22.28 -17.11 0.71
CA ALA A 246 -22.26 -16.32 1.89
C ALA A 246 -23.64 -16.06 2.43
N LEU A 247 -23.67 -15.75 3.70
CA LEU A 247 -24.86 -15.37 4.42
C LEU A 247 -24.48 -14.51 5.61
N GLY A 248 -25.37 -13.64 6.04
CA GLY A 248 -25.02 -12.79 7.18
C GLY A 248 -26.20 -12.00 7.69
N TYR A 249 -26.07 -11.54 8.95
CA TYR A 249 -27.05 -10.77 9.71
C TYR A 249 -26.33 -9.46 10.01
N SER A 250 -26.42 -8.55 9.05
CA SER A 250 -25.70 -7.28 9.08
C SER A 250 -26.16 -6.36 10.22
N PRO A 251 -25.26 -6.01 11.16
CA PRO A 251 -25.67 -5.14 12.28
C PRO A 251 -25.64 -3.63 11.94
N GLU A 252 -25.37 -3.26 10.68
CA GLU A 252 -25.21 -1.84 10.33
C GLU A 252 -25.49 -1.48 8.87
N LEU A 253 -26.21 -0.38 8.67
CA LEU A 253 -26.46 0.19 7.36
C LEU A 253 -25.37 1.22 7.17
N VAL A 254 -24.33 0.83 6.44
CA VAL A 254 -23.18 1.70 6.20
C VAL A 254 -23.53 2.88 5.29
N THR A 255 -24.46 2.69 4.32
CA THR A 255 -24.87 3.76 3.39
C THR A 255 -26.22 3.46 2.75
N ALA A 256 -27.10 4.44 2.73
CA ALA A 256 -28.35 4.38 1.94
C ALA A 256 -28.48 5.71 1.21
N VAL A 257 -28.73 5.64 -0.10
CA VAL A 257 -28.91 6.80 -0.97
C VAL A 257 -30.31 6.66 -1.59
N ARG A 258 -31.18 7.67 -1.41
CA ARG A 258 -32.54 7.64 -2.03
C ARG A 258 -32.47 8.32 -3.38
N ALA A 259 -33.53 8.14 -4.22
CA ALA A 259 -33.62 8.77 -5.54
C ALA A 259 -33.62 10.31 -5.46
N ASP A 260 -34.15 10.88 -4.37
CA ASP A 260 -34.19 12.33 -4.12
C ASP A 260 -32.87 12.98 -3.64
N GLY A 261 -31.82 12.17 -3.49
CA GLY A 261 -30.50 12.64 -3.10
C GLY A 261 -30.19 12.58 -1.62
N VAL A 262 -31.16 12.17 -0.79
CA VAL A 262 -30.94 12.02 0.66
C VAL A 262 -30.01 10.81 0.92
N VAL A 263 -28.90 11.06 1.57
CA VAL A 263 -27.93 10.05 1.91
C VAL A 263 -27.92 9.90 3.41
N ILE A 264 -27.94 8.65 3.87
CA ILE A 264 -27.75 8.33 5.28
C ILE A 264 -26.69 7.26 5.53
N THR A 265 -26.23 7.22 6.78
CA THR A 265 -25.36 6.23 7.32
C THR A 265 -25.73 6.11 8.78
N GLU A 266 -25.79 4.87 9.24
CA GLU A 266 -26.26 4.55 10.55
C GLU A 266 -25.25 3.69 11.35
N PRO A 267 -24.15 4.28 11.78
CA PRO A 267 -23.13 3.54 12.54
C PRO A 267 -23.68 2.86 13.77
N LEU A 268 -23.20 1.61 13.98
CA LEU A 268 -23.58 0.71 15.05
C LEU A 268 -23.33 1.37 16.42
N ALA A 269 -24.39 1.46 17.23
CA ALA A 269 -24.41 2.15 18.52
C ALA A 269 -23.65 1.52 19.65
N GLY A 270 -23.32 0.25 19.49
CA GLY A 270 -22.58 -0.51 20.50
C GLY A 270 -22.82 -1.99 20.30
N THR A 271 -22.35 -2.79 21.25
CA THR A 271 -22.51 -4.24 21.19
C THR A 271 -23.86 -4.66 21.76
N ARG A 272 -24.54 -3.72 22.47
CA ARG A 272 -25.86 -3.90 23.08
C ARG A 272 -26.98 -3.17 22.27
N ALA A 273 -26.62 -2.57 21.11
CA ALA A 273 -27.52 -1.82 20.21
C ALA A 273 -28.61 -2.68 19.59
N ASP A 286 -16.93 -1.67 35.77
CA ASP A 286 -18.03 -2.63 35.73
C ASP A 286 -18.97 -2.32 34.54
N ASP A 287 -20.31 -2.25 34.76
CA ASP A 287 -21.21 -1.93 33.66
C ASP A 287 -21.11 -0.46 33.16
N LEU A 288 -20.94 0.50 34.09
CA LEU A 288 -20.76 1.91 33.74
C LEU A 288 -19.51 2.10 32.89
N GLU A 289 -18.37 1.53 33.32
CA GLU A 289 -17.06 1.63 32.65
C GLU A 289 -17.08 1.09 31.22
N SER A 290 -17.78 -0.04 31.01
CA SER A 290 -17.92 -0.67 29.70
C SER A 290 -18.89 0.14 28.81
N ASN A 291 -20.02 0.61 29.38
CA ASN A 291 -20.98 1.48 28.67
C ASN A 291 -20.33 2.79 28.31
N SER A 292 -19.50 3.35 29.22
CA SER A 292 -18.74 4.59 28.95
C SER A 292 -17.81 4.42 27.75
N LYS A 293 -17.09 3.28 27.68
CA LYS A 293 -16.19 2.91 26.58
C LYS A 293 -16.98 2.83 25.26
N GLU A 294 -18.14 2.18 25.27
CA GLU A 294 -18.96 2.09 24.06
C GLU A 294 -19.50 3.45 23.60
N ILE A 295 -19.95 4.31 24.54
CA ILE A 295 -20.43 5.67 24.23
C ILE A 295 -19.31 6.46 23.55
N VAL A 296 -18.09 6.40 24.10
CA VAL A 296 -16.91 7.09 23.53
C VAL A 296 -16.68 6.60 22.10
N GLU A 297 -16.63 5.29 21.89
CA GLU A 297 -16.40 4.70 20.57
C GLU A 297 -17.47 5.09 19.55
N HIS A 298 -18.71 4.98 19.97
CA HIS A 298 -19.80 5.36 19.12
C HIS A 298 -19.76 6.84 18.76
N ALA A 299 -19.59 7.69 19.77
CA ALA A 299 -19.39 9.12 19.53
C ALA A 299 -18.36 9.44 18.48
N ILE A 300 -17.19 8.82 18.60
CA ILE A 300 -16.06 8.98 17.67
C ILE A 300 -16.45 8.52 16.26
N SER A 301 -17.20 7.39 16.17
CA SER A 301 -17.67 6.85 14.88
C SER A 301 -18.63 7.82 14.20
N VAL A 302 -19.58 8.39 14.99
CA VAL A 302 -20.57 9.34 14.50
C VAL A 302 -19.85 10.57 14.01
N ARG A 303 -18.85 11.05 14.78
CA ARG A 303 -18.09 12.23 14.38
C ARG A 303 -17.32 11.96 13.08
N SER A 304 -16.71 10.76 12.97
CA SER A 304 -16.01 10.37 11.73
C SER A 304 -16.97 10.32 10.55
N SER A 305 -18.14 9.67 10.75
CA SER A 305 -19.15 9.55 9.70
C SER A 305 -19.56 10.94 9.21
N LEU A 306 -19.73 11.90 10.15
CA LEU A 306 -20.12 13.27 9.83
C LEU A 306 -19.09 13.99 8.95
N GLU A 307 -17.81 13.84 9.31
CA GLU A 307 -16.67 14.48 8.61
C GLU A 307 -16.55 13.95 7.19
N GLU A 308 -16.67 12.63 7.05
CA GLU A 308 -16.51 11.99 5.74
C GLU A 308 -17.70 12.30 4.82
N ILE A 309 -18.92 12.25 5.36
CA ILE A 309 -20.16 12.50 4.59
C ILE A 309 -20.19 13.92 4.01
N THR A 310 -19.53 14.88 4.74
CA THR A 310 -19.42 16.27 4.36
C THR A 310 -18.79 16.42 2.98
N ASP A 311 -17.88 15.48 2.60
CA ASP A 311 -17.22 15.46 1.30
C ASP A 311 -18.18 15.35 0.11
N ILE A 312 -19.28 14.62 0.30
CA ILE A 312 -20.22 14.39 -0.80
C ILE A 312 -21.50 15.18 -0.63
N ALA A 313 -21.57 15.97 0.44
CA ALA A 313 -22.74 16.72 0.85
C ALA A 313 -22.83 18.12 0.27
N GLU A 314 -24.06 18.49 -0.06
CA GLU A 314 -24.44 19.85 -0.45
C GLU A 314 -24.10 20.71 0.79
N PRO A 315 -23.45 21.89 0.65
CA PRO A 315 -23.06 22.64 1.87
C PRO A 315 -24.20 22.87 2.83
N GLY A 316 -23.93 22.60 4.11
CA GLY A 316 -24.90 22.77 5.19
C GLY A 316 -25.95 21.69 5.35
N SER A 317 -25.89 20.61 4.53
CA SER A 317 -26.89 19.52 4.62
C SER A 317 -26.51 18.35 5.53
N ALA A 318 -25.22 18.19 5.86
CA ALA A 318 -24.74 17.08 6.69
C ALA A 318 -25.08 17.31 8.15
N ALA A 319 -25.76 16.34 8.80
CA ALA A 319 -26.15 16.50 10.22
C ALA A 319 -26.43 15.16 10.88
N VAL A 320 -26.32 15.10 12.22
CA VAL A 320 -26.67 13.92 13.03
C VAL A 320 -28.12 14.16 13.44
N ILE A 321 -29.05 13.43 12.83
CA ILE A 321 -30.50 13.61 13.08
C ILE A 321 -31.04 12.78 14.20
N ASP A 322 -30.35 11.71 14.48
CA ASP A 322 -30.70 10.85 15.57
C ASP A 322 -29.41 10.48 16.17
N PHE A 323 -29.29 10.73 17.46
CA PHE A 323 -28.12 10.35 18.20
C PHE A 323 -28.48 9.45 19.39
N MET A 324 -28.07 8.18 19.31
CA MET A 324 -28.30 7.18 20.35
C MET A 324 -29.78 7.05 20.80
N THR A 325 -30.73 7.07 19.85
CA THR A 325 -32.16 6.97 20.14
C THR A 325 -32.63 5.51 20.08
N VAL A 326 -33.66 5.21 20.82
CA VAL A 326 -34.23 3.89 20.79
C VAL A 326 -35.21 3.75 19.66
N ARG A 327 -35.11 2.66 18.96
CA ARG A 327 -35.83 2.49 17.73
C ARG A 327 -36.21 1.02 17.59
N LEU A 335 -31.17 0.52 19.59
CA LEU A 335 -30.43 1.74 19.98
C LEU A 335 -29.52 2.12 18.77
N GLY A 336 -29.67 3.33 18.24
CA GLY A 336 -28.89 3.74 17.07
C GLY A 336 -28.77 5.22 16.82
N SER A 337 -27.98 5.59 15.79
CA SER A 337 -27.74 6.98 15.39
C SER A 337 -27.82 7.10 13.88
N THR A 338 -28.26 8.27 13.40
CA THR A 338 -28.37 8.52 11.97
C THR A 338 -27.61 9.78 11.58
N ILE A 339 -26.77 9.66 10.55
CA ILE A 339 -26.05 10.80 9.98
C ILE A 339 -26.66 10.96 8.60
N ARG A 340 -27.18 12.12 8.29
CA ARG A 340 -27.78 12.36 7.00
C ARG A 340 -27.11 13.50 6.27
N ALA A 341 -27.36 13.57 4.98
CA ALA A 341 -26.86 14.62 4.11
C ALA A 341 -27.68 14.60 2.83
N ARG A 342 -27.54 15.66 2.01
CA ARG A 342 -28.13 15.75 0.69
C ARG A 342 -26.98 15.57 -0.26
N LEU A 343 -27.10 14.62 -1.20
CA LEU A 343 -26.04 14.34 -2.15
C LEU A 343 -25.81 15.54 -3.04
N ASP A 344 -24.55 15.97 -3.09
CA ASP A 344 -24.22 17.12 -3.91
C ASP A 344 -24.39 16.77 -5.38
N PRO A 345 -25.00 17.69 -6.17
CA PRO A 345 -25.17 17.42 -7.61
C PRO A 345 -23.89 17.10 -8.39
N SER A 346 -22.72 17.45 -7.83
CA SER A 346 -21.42 17.18 -8.43
C SER A 346 -20.87 15.79 -8.01
N SER A 347 -21.59 15.13 -7.05
CA SER A 347 -21.25 13.80 -6.52
C SER A 347 -22.24 12.72 -7.00
N ASP A 348 -22.02 11.45 -6.60
CA ASP A 348 -22.88 10.33 -6.99
C ASP A 348 -22.92 9.26 -5.91
N ARG A 349 -23.77 8.22 -6.08
CA ARG A 349 -23.89 7.13 -5.09
C ARG A 349 -22.62 6.36 -4.81
N MET A 350 -21.75 6.15 -5.83
CA MET A 350 -20.50 5.42 -5.63
C MET A 350 -19.48 6.25 -4.89
N ALA A 351 -19.46 7.59 -5.12
CA ALA A 351 -18.61 8.51 -4.37
C ALA A 351 -19.10 8.55 -2.90
N ALA A 352 -20.45 8.48 -2.68
CA ALA A 352 -21.01 8.48 -1.32
C ALA A 352 -20.55 7.23 -0.55
N LEU A 353 -20.58 6.06 -1.23
CA LEU A 353 -20.14 4.77 -0.67
C LEU A 353 -18.65 4.85 -0.36
N GLU A 354 -17.85 5.40 -1.29
CA GLU A 354 -16.41 5.59 -1.14
C GLU A 354 -16.11 6.49 0.04
N ALA A 355 -16.88 7.60 0.17
CA ALA A 355 -16.65 8.57 1.26
C ALA A 355 -16.72 7.89 2.63
N LEU A 356 -17.64 6.94 2.77
CA LEU A 356 -17.92 6.23 4.02
C LEU A 356 -17.23 4.88 4.16
N PHE A 357 -16.53 4.42 3.15
CA PHE A 357 -15.82 3.17 3.15
C PHE A 357 -14.33 3.23 3.51
N PRO A 358 -13.79 2.18 4.10
CA PRO A 358 -14.50 1.04 4.70
C PRO A 358 -15.23 1.61 5.91
N ALA A 359 -16.30 0.95 6.38
CA ALA A 359 -17.02 1.42 7.56
C ALA A 359 -16.04 1.76 8.70
N VAL A 360 -16.24 2.92 9.35
CA VAL A 360 -15.42 3.35 10.50
C VAL A 360 -15.57 2.30 11.65
N THR A 361 -16.79 1.75 11.81
CA THR A 361 -17.12 0.73 12.79
C THR A 361 -16.15 -0.46 12.71
N ALA A 362 -15.70 -0.78 11.48
CA ALA A 362 -14.87 -1.95 11.25
C ALA A 362 -13.44 -1.65 10.76
N SER A 363 -12.99 -0.42 10.92
CA SER A 363 -11.62 -0.07 10.50
C SER A 363 -10.79 0.47 11.67
N GLY A 364 -10.96 1.73 12.00
CA GLY A 364 -10.23 2.33 13.10
C GLY A 364 -10.21 3.84 13.04
N ILE A 365 -9.47 4.44 13.98
CA ILE A 365 -9.36 5.90 14.20
C ILE A 365 -7.91 6.29 14.48
N PRO A 366 -7.34 7.28 13.74
CA PRO A 366 -7.87 7.93 12.52
C PRO A 366 -8.02 6.86 11.42
N LYS A 367 -8.98 7.03 10.51
CA LYS A 367 -9.30 6.03 9.48
C LYS A 367 -8.10 5.61 8.65
N ALA A 368 -7.33 6.56 8.09
CA ALA A 368 -6.17 6.20 7.26
C ALA A 368 -5.21 5.29 8.02
N ALA A 369 -4.89 5.63 9.30
CA ALA A 369 -3.96 4.83 10.12
C ALA A 369 -4.55 3.48 10.53
N GLY A 370 -5.86 3.45 10.77
CA GLY A 370 -6.56 2.20 11.12
C GLY A 370 -6.57 1.21 9.97
N VAL A 371 -6.87 1.71 8.76
CA VAL A 371 -6.89 0.88 7.54
C VAL A 371 -5.49 0.32 7.24
N GLU A 372 -4.44 1.18 7.32
CA GLU A 372 -3.06 0.70 7.08
C GLU A 372 -2.64 -0.36 8.10
N ALA A 373 -3.02 -0.19 9.39
CA ALA A 373 -2.67 -1.16 10.44
C ALA A 373 -3.34 -2.53 10.15
N ILE A 374 -4.58 -2.53 9.58
CA ILE A 374 -5.28 -3.76 9.18
C ILE A 374 -4.47 -4.51 8.10
N PHE A 375 -3.82 -3.80 7.16
CA PHE A 375 -2.99 -4.43 6.13
C PHE A 375 -1.80 -5.16 6.77
N ARG A 376 -1.32 -4.67 7.92
CA ARG A 376 -0.17 -5.28 8.59
C ARG A 376 -0.54 -6.28 9.66
N LEU A 377 -1.64 -6.03 10.36
CA LEU A 377 -2.00 -6.77 11.54
C LEU A 377 -3.22 -7.73 11.43
N ASP A 378 -3.83 -7.80 10.27
CA ASP A 378 -4.94 -8.69 10.00
C ASP A 378 -4.67 -9.59 8.79
N GLU A 379 -5.38 -10.68 8.68
CA GLU A 379 -5.37 -11.53 7.49
C GLU A 379 -5.98 -10.83 6.26
N CYS A 380 -5.13 -10.50 5.29
CA CYS A 380 -5.53 -9.73 4.11
C CYS A 380 -5.36 -10.50 2.80
N PRO A 381 -6.24 -10.32 1.78
CA PRO A 381 -7.39 -9.39 1.71
C PRO A 381 -8.55 -9.81 2.62
N ARG A 382 -9.33 -8.82 3.14
CA ARG A 382 -10.50 -9.16 3.97
C ARG A 382 -11.64 -9.66 3.10
N GLY A 383 -11.72 -9.14 1.88
CA GLY A 383 -12.77 -9.48 0.92
C GLY A 383 -14.14 -9.05 1.38
N LEU A 384 -15.09 -10.00 1.43
CA LEU A 384 -16.46 -9.69 1.87
C LEU A 384 -16.52 -9.21 3.33
N TYR A 385 -15.67 -9.77 4.22
CA TYR A 385 -15.67 -9.39 5.65
C TYR A 385 -15.37 -7.91 5.82
N SER A 386 -16.32 -7.19 6.45
CA SER A 386 -16.29 -5.73 6.68
C SER A 386 -16.39 -4.95 5.39
N GLY A 387 -16.78 -5.65 4.32
CA GLY A 387 -17.15 -5.00 3.08
C GLY A 387 -18.65 -4.76 3.14
N ALA A 388 -19.33 -4.73 2.01
CA ALA A 388 -20.79 -4.52 1.99
C ALA A 388 -21.55 -5.46 1.05
N VAL A 389 -22.82 -5.67 1.34
CA VAL A 389 -23.72 -6.38 0.41
C VAL A 389 -24.61 -5.25 -0.04
N VAL A 390 -24.75 -5.10 -1.38
CA VAL A 390 -25.44 -3.94 -1.98
C VAL A 390 -26.66 -4.25 -2.85
N MET A 391 -27.60 -3.31 -2.86
CA MET A 391 -28.78 -3.33 -3.72
C MET A 391 -28.84 -1.94 -4.34
N LEU A 392 -28.76 -1.86 -5.68
CA LEU A 392 -28.77 -0.62 -6.46
C LEU A 392 -30.04 -0.53 -7.33
N SER A 393 -30.58 0.67 -7.49
CA SER A 393 -31.79 0.87 -8.30
C SER A 393 -31.52 1.84 -9.45
N ALA A 394 -32.24 1.68 -10.59
CA ALA A 394 -32.09 2.55 -11.78
C ALA A 394 -32.33 4.03 -11.45
N ASP A 395 -33.20 4.32 -10.46
CA ASP A 395 -33.52 5.70 -10.03
C ASP A 395 -32.39 6.40 -9.23
N GLY A 396 -31.28 5.70 -8.99
CA GLY A 396 -30.14 6.26 -8.25
C GLY A 396 -30.01 5.71 -6.86
N GLY A 397 -30.98 4.91 -6.41
CA GLY A 397 -30.98 4.31 -5.09
C GLY A 397 -29.79 3.40 -4.82
N LEU A 398 -29.37 3.35 -3.58
CA LEU A 398 -28.29 2.47 -3.10
C LEU A 398 -28.60 2.12 -1.67
N ASP A 399 -28.50 0.83 -1.34
CA ASP A 399 -28.68 0.33 0.02
C ASP A 399 -27.47 -0.58 0.26
N ALA A 400 -26.63 -0.24 1.23
CA ALA A 400 -25.39 -0.97 1.50
C ALA A 400 -25.28 -1.41 2.95
N ALA A 401 -25.28 -2.71 3.17
CA ALA A 401 -25.20 -3.31 4.51
C ALA A 401 -23.78 -3.70 4.83
N LEU A 402 -23.35 -3.41 6.07
CA LEU A 402 -22.00 -3.76 6.50
C LEU A 402 -21.87 -5.27 6.73
N THR A 403 -20.90 -5.92 6.06
CA THR A 403 -20.75 -7.36 6.20
C THR A 403 -19.96 -7.77 7.45
N LEU A 404 -20.68 -8.12 8.51
CA LEU A 404 -20.15 -8.68 9.77
C LEU A 404 -21.18 -9.73 10.14
N ARG A 405 -20.86 -10.64 11.10
CA ARG A 405 -21.76 -11.72 11.54
C ARG A 405 -22.22 -12.57 10.34
N ALA A 406 -21.21 -12.95 9.52
CA ALA A 406 -21.41 -13.69 8.27
C ALA A 406 -20.57 -14.99 8.20
N ALA A 407 -21.00 -15.97 7.39
CA ALA A 407 -20.36 -17.27 7.10
C ALA A 407 -20.08 -17.26 5.58
N TYR A 408 -18.96 -17.85 5.15
CA TYR A 408 -18.53 -17.86 3.74
C TYR A 408 -18.06 -19.24 3.32
N GLN A 409 -18.14 -19.52 2.05
CA GLN A 409 -17.59 -20.72 1.45
C GLN A 409 -17.04 -20.35 0.10
N VAL A 410 -15.73 -20.61 -0.09
CA VAL A 410 -15.04 -20.38 -1.36
C VAL A 410 -14.28 -21.68 -1.57
N GLY A 411 -14.70 -22.45 -2.58
CA GLY A 411 -14.19 -23.76 -2.94
C GLY A 411 -13.52 -24.56 -1.86
N GLY A 412 -14.26 -25.52 -1.30
CA GLY A 412 -13.76 -26.39 -0.24
C GLY A 412 -13.62 -25.74 1.12
N ARG A 413 -13.36 -24.43 1.20
CA ARG A 413 -13.13 -23.73 2.46
C ARG A 413 -14.39 -23.04 2.97
N THR A 414 -14.80 -23.39 4.20
CA THR A 414 -15.94 -22.81 4.90
C THR A 414 -15.41 -22.10 6.13
N TRP A 415 -15.78 -20.81 6.31
CA TRP A 415 -15.31 -20.09 7.49
C TRP A 415 -16.22 -19.00 8.02
N LEU A 416 -15.95 -18.60 9.25
CA LEU A 416 -16.61 -17.50 9.94
C LEU A 416 -15.50 -16.49 10.20
N ARG A 417 -15.87 -15.25 10.45
CA ARG A 417 -14.88 -14.22 10.75
C ARG A 417 -15.51 -13.23 11.71
N ALA A 418 -14.76 -12.85 12.74
CA ALA A 418 -15.25 -11.91 13.74
C ALA A 418 -14.06 -11.12 14.29
N GLY A 419 -14.31 -9.87 14.62
CA GLY A 419 -13.29 -8.99 15.16
C GLY A 419 -13.73 -8.19 16.36
N ALA A 420 -12.88 -7.24 16.76
CA ALA A 420 -13.13 -6.40 17.92
C ALA A 420 -12.36 -5.11 17.74
N GLY A 421 -12.89 -4.04 18.34
CA GLY A 421 -12.22 -2.74 18.33
C GLY A 421 -11.11 -2.77 19.38
N ILE A 422 -9.89 -2.54 18.94
CA ILE A 422 -8.71 -2.55 19.81
C ILE A 422 -8.36 -1.12 20.16
N ILE A 423 -8.30 -0.82 21.46
CA ILE A 423 -7.96 0.50 22.03
C ILE A 423 -6.75 0.35 22.97
N GLU A 424 -6.19 1.47 23.48
CA GLU A 424 -4.98 1.42 24.32
C GLU A 424 -5.09 0.50 25.53
N GLU A 425 -6.29 0.45 26.14
CA GLU A 425 -6.61 -0.34 27.33
C GLU A 425 -6.96 -1.81 27.03
N SER A 426 -7.03 -2.19 25.73
CA SER A 426 -7.41 -3.55 25.33
C SER A 426 -6.49 -4.62 25.90
N GLU A 427 -7.07 -5.74 26.31
CA GLU A 427 -6.33 -6.89 26.79
C GLU A 427 -6.55 -8.01 25.77
N PRO A 428 -5.46 -8.58 25.18
CA PRO A 428 -5.63 -9.66 24.18
C PRO A 428 -6.62 -10.78 24.53
N GLU A 429 -6.58 -11.30 25.78
CA GLU A 429 -7.48 -12.36 26.24
C GLU A 429 -8.94 -11.93 26.24
N ARG A 430 -9.20 -10.69 26.72
CA ARG A 430 -10.56 -10.16 26.77
C ARG A 430 -11.09 -9.93 25.35
N GLU A 431 -10.24 -9.49 24.43
CA GLU A 431 -10.63 -9.22 23.04
C GLU A 431 -10.87 -10.52 22.28
N PHE A 432 -10.08 -11.56 22.60
CA PHE A 432 -10.29 -12.88 22.01
C PHE A 432 -11.67 -13.40 22.46
N GLU A 433 -12.02 -13.20 23.75
CA GLU A 433 -13.32 -13.60 24.31
C GLU A 433 -14.45 -12.84 23.63
N GLU A 434 -14.23 -11.53 23.33
CA GLU A 434 -15.17 -10.66 22.61
C GLU A 434 -15.50 -11.25 21.23
N THR A 435 -14.49 -11.76 20.51
CA THR A 435 -14.71 -12.37 19.19
C THR A 435 -15.55 -13.65 19.37
N CYS A 436 -15.34 -14.39 20.47
CA CYS A 436 -16.12 -15.60 20.77
C CYS A 436 -17.59 -15.23 20.95
N GLU A 437 -17.87 -14.11 21.65
CA GLU A 437 -19.23 -13.62 21.87
C GLU A 437 -19.87 -13.21 20.54
N LYS A 438 -19.11 -12.53 19.66
CA LYS A 438 -19.59 -12.11 18.34
C LYS A 438 -19.93 -13.34 17.49
N LEU A 439 -19.07 -14.38 17.54
CA LEU A 439 -19.29 -15.62 16.81
C LEU A 439 -20.51 -16.40 17.29
N SER A 440 -20.88 -16.28 18.60
CA SER A 440 -22.02 -16.98 19.22
C SER A 440 -23.40 -16.63 18.64
N THR A 441 -23.49 -15.67 17.75
CA THR A 441 -24.72 -15.41 17.09
C THR A 441 -24.89 -16.27 15.84
N LEU A 442 -23.80 -16.91 15.39
CA LEU A 442 -23.84 -17.81 14.26
C LEU A 442 -23.59 -19.27 14.64
N THR A 443 -22.59 -19.50 15.47
CA THR A 443 -22.15 -20.83 15.83
C THR A 443 -23.17 -21.85 16.28
N PRO A 444 -24.21 -21.45 17.00
CA PRO A 444 -25.25 -22.39 17.39
C PRO A 444 -26.21 -22.80 16.27
N TYR A 445 -26.14 -22.16 15.13
CA TYR A 445 -27.10 -22.29 14.05
C TYR A 445 -26.57 -22.80 12.69
N LEU A 446 -25.41 -23.42 12.69
CA LEU A 446 -24.82 -24.00 11.48
C LEU A 446 -25.45 -25.35 11.11
N VAL A 447 -26.12 -25.40 9.98
CA VAL A 447 -26.75 -26.63 9.47
C VAL A 447 -25.81 -27.25 8.44
N ALA A 448 -25.30 -28.45 8.75
CA ALA A 448 -24.38 -29.17 7.87
C ALA A 448 -25.09 -29.58 6.58
N ARG A 449 -24.34 -29.61 5.47
CA ARG A 449 -24.81 -30.06 4.16
C ARG A 449 -25.25 -31.54 4.35
N GLN A 450 -26.27 -31.99 3.61
CA GLN A 450 -26.77 -33.37 3.73
C GLN A 450 -26.08 -34.32 2.75
N SER B 15 52.02 3.18 -9.20
CA SER B 15 52.27 1.79 -9.54
C SER B 15 51.83 1.41 -10.95
N SER B 16 50.54 1.65 -11.32
CA SER B 16 50.06 1.37 -12.68
C SER B 16 49.12 2.48 -13.22
N SER B 17 49.51 3.06 -14.37
CA SER B 17 48.78 4.16 -15.00
C SER B 17 48.80 4.07 -16.48
N ILE B 18 47.82 4.69 -17.08
CA ILE B 18 47.69 4.83 -18.52
C ILE B 18 47.28 6.29 -18.75
N PRO B 19 48.03 7.07 -19.57
CA PRO B 19 47.64 8.47 -19.77
C PRO B 19 46.33 8.56 -20.51
N MET B 20 45.50 9.49 -20.06
CA MET B 20 44.20 9.68 -20.67
C MET B 20 44.37 10.51 -21.98
N PRO B 21 43.91 9.97 -23.12
CA PRO B 21 43.99 10.71 -24.40
C PRO B 21 43.04 11.90 -24.53
N ALA B 22 43.32 12.77 -25.54
CA ALA B 22 42.57 13.94 -26.02
C ALA B 22 41.57 14.65 -25.01
N GLY B 23 40.25 14.81 -25.26
CA GLY B 23 39.48 14.35 -26.42
C GLY B 23 38.58 13.17 -26.12
N VAL B 24 38.93 12.40 -25.07
CA VAL B 24 38.17 11.24 -24.58
C VAL B 24 37.52 11.68 -23.27
N ASN B 25 36.19 11.60 -23.22
CA ASN B 25 35.43 11.99 -22.04
C ASN B 25 35.55 10.91 -20.95
N PRO B 26 35.97 11.24 -19.71
CA PRO B 26 36.09 10.20 -18.66
C PRO B 26 34.81 9.42 -18.31
N ALA B 27 33.63 10.07 -18.33
CA ALA B 27 32.36 9.39 -18.03
C ALA B 27 32.05 8.33 -19.10
N ASP B 28 32.37 8.63 -20.38
CA ASP B 28 32.13 7.69 -21.47
C ASP B 28 33.09 6.53 -21.42
N LEU B 29 34.37 6.80 -21.15
CA LEU B 29 35.35 5.71 -21.03
C LEU B 29 35.09 4.82 -19.84
N ALA B 30 34.80 5.41 -18.66
CA ALA B 30 34.53 4.66 -17.44
C ALA B 30 33.28 3.75 -17.58
N ALA B 31 32.20 4.27 -18.21
CA ALA B 31 30.97 3.49 -18.40
C ALA B 31 31.20 2.39 -19.44
N GLU B 32 31.97 2.67 -20.52
CA GLU B 32 32.28 1.66 -21.53
C GLU B 32 33.12 0.56 -20.94
N LEU B 33 34.08 0.93 -20.07
CA LEU B 33 34.93 -0.02 -19.37
C LEU B 33 34.11 -0.96 -18.50
N ALA B 34 33.08 -0.43 -17.82
CA ALA B 34 32.17 -1.22 -16.97
C ALA B 34 31.47 -2.28 -17.85
N ALA B 35 30.95 -1.87 -19.03
CA ALA B 35 30.29 -2.76 -19.98
C ALA B 35 31.26 -3.81 -20.54
N VAL B 36 32.48 -3.38 -20.93
CA VAL B 36 33.52 -4.26 -21.51
C VAL B 36 34.01 -5.30 -20.48
N VAL B 37 34.21 -4.94 -19.21
CA VAL B 37 34.57 -5.92 -18.16
C VAL B 37 33.43 -6.74 -17.50
N THR B 38 32.21 -6.32 -17.61
CA THR B 38 31.10 -7.13 -17.07
C THR B 38 30.82 -8.36 -17.93
N GLU B 39 30.78 -8.18 -19.26
CA GLU B 39 30.55 -9.25 -20.24
C GLU B 39 31.71 -10.24 -20.16
N SER B 40 32.95 -9.73 -20.17
CA SER B 40 34.21 -10.46 -20.13
C SER B 40 34.37 -11.50 -19.03
N VAL B 41 33.77 -11.24 -17.84
CA VAL B 41 33.89 -12.14 -16.68
C VAL B 41 32.55 -12.52 -16.00
N ASP B 42 31.45 -11.83 -16.37
CA ASP B 42 30.09 -11.95 -15.80
C ASP B 42 30.06 -11.38 -14.35
N GLU B 43 30.95 -10.40 -14.08
CA GLU B 43 31.19 -9.74 -12.80
C GLU B 43 30.20 -8.61 -12.47
N ASP B 44 29.96 -8.43 -11.17
CA ASP B 44 29.23 -7.29 -10.64
C ASP B 44 30.23 -6.12 -10.57
N TYR B 45 29.70 -4.90 -10.48
CA TYR B 45 30.54 -3.71 -10.45
C TYR B 45 29.77 -2.51 -9.91
N LEU B 46 30.52 -1.49 -9.56
CA LEU B 46 29.95 -0.23 -9.13
C LEU B 46 30.86 0.87 -9.63
N LEU B 47 30.29 1.79 -10.44
CA LEU B 47 31.03 2.94 -10.93
C LEU B 47 30.55 4.15 -10.13
N TYR B 48 31.50 4.85 -9.46
CA TYR B 48 31.15 6.00 -8.60
C TYR B 48 31.89 7.24 -9.07
N GLU B 49 31.18 8.29 -9.51
CA GLU B 49 31.86 9.53 -9.89
C GLU B 49 31.99 10.39 -8.66
N CYS B 50 33.24 10.73 -8.30
CA CYS B 50 33.56 11.46 -7.08
C CYS B 50 34.68 12.46 -7.33
N ASP B 51 34.33 13.77 -7.39
CA ASP B 51 35.27 14.89 -7.58
C ASP B 51 36.18 14.74 -8.81
N GLY B 52 35.59 14.52 -9.97
CA GLY B 52 36.33 14.35 -11.22
C GLY B 52 36.97 12.98 -11.43
N GLN B 53 36.81 12.07 -10.47
CA GLN B 53 37.34 10.72 -10.54
C GLN B 53 36.18 9.75 -10.70
N TRP B 54 36.19 8.96 -11.76
CA TRP B 54 35.20 7.93 -11.98
C TRP B 54 35.85 6.66 -11.50
N VAL B 55 35.45 6.18 -10.32
CA VAL B 55 36.06 4.98 -9.73
C VAL B 55 35.21 3.78 -10.09
N LEU B 56 35.77 2.89 -10.92
CA LEU B 56 35.10 1.66 -11.27
C LEU B 56 35.61 0.58 -10.32
N ALA B 57 34.73 0.06 -9.45
CA ALA B 57 35.03 -1.03 -8.51
C ALA B 57 34.49 -2.29 -9.21
N ALA B 58 35.41 -3.10 -9.77
CA ALA B 58 35.04 -4.25 -10.61
C ALA B 58 35.28 -5.60 -9.99
N GLY B 59 34.22 -6.44 -10.01
CA GLY B 59 34.28 -7.79 -9.46
C GLY B 59 34.14 -7.81 -7.96
N VAL B 60 33.56 -8.87 -7.45
CA VAL B 60 33.33 -8.99 -6.02
C VAL B 60 34.34 -9.92 -5.36
N GLN B 61 35.23 -9.35 -4.53
CA GLN B 61 36.22 -10.11 -3.77
C GLN B 61 35.52 -10.68 -2.54
N ALA B 62 34.80 -9.84 -1.82
CA ALA B 62 33.94 -10.27 -0.75
C ALA B 62 32.72 -9.34 -0.63
N MET B 63 31.57 -9.88 -0.28
CA MET B 63 30.33 -9.15 -0.19
C MET B 63 29.70 -9.24 1.20
N VAL B 64 29.41 -8.09 1.79
CA VAL B 64 28.61 -7.95 2.98
C VAL B 64 27.16 -7.55 2.65
N GLU B 65 26.23 -8.41 3.01
CA GLU B 65 24.81 -8.14 2.85
C GLU B 65 24.13 -8.04 4.20
N LEU B 66 23.66 -6.86 4.50
CA LEU B 66 22.91 -6.63 5.72
C LEU B 66 21.43 -6.56 5.43
N ASP B 67 20.65 -7.45 5.99
CA ASP B 67 19.19 -7.43 5.83
C ASP B 67 18.61 -7.14 7.20
N SER B 68 17.31 -6.89 7.27
CA SER B 68 16.64 -6.58 8.54
C SER B 68 16.77 -7.69 9.58
N ASP B 69 16.78 -8.96 9.13
CA ASP B 69 16.82 -10.16 9.99
C ASP B 69 18.09 -11.01 9.85
N GLU B 70 19.04 -10.61 8.99
CA GLU B 70 20.21 -11.45 8.77
C GLU B 70 21.39 -10.64 8.24
N LEU B 71 22.59 -11.08 8.59
CA LEU B 71 23.84 -10.53 8.08
C LEU B 71 24.55 -11.70 7.38
N ARG B 72 24.94 -11.48 6.11
CA ARG B 72 25.64 -12.47 5.30
C ARG B 72 26.97 -11.89 4.84
N VAL B 73 28.01 -12.74 4.86
CA VAL B 73 29.31 -12.45 4.32
C VAL B 73 29.56 -13.54 3.27
N ILE B 74 29.68 -13.13 2.00
CA ILE B 74 29.85 -14.03 0.86
C ILE B 74 31.22 -13.81 0.26
N ARG B 75 32.00 -14.89 0.23
CA ARG B 75 33.35 -14.89 -0.30
C ARG B 75 33.59 -16.22 -1.03
N ASP B 76 34.04 -16.15 -2.30
CA ASP B 76 34.37 -17.32 -3.14
C ASP B 76 33.24 -18.35 -3.22
N GLY B 77 32.03 -17.89 -3.52
CA GLY B 77 30.83 -18.70 -3.62
C GLY B 77 30.33 -19.33 -2.33
N VAL B 78 30.96 -18.99 -1.18
CA VAL B 78 30.61 -19.50 0.15
C VAL B 78 30.01 -18.39 1.04
N THR B 79 28.79 -18.63 1.56
CA THR B 79 28.03 -17.71 2.41
C THR B 79 28.12 -18.11 3.88
N ARG B 80 28.39 -17.14 4.75
CA ARG B 80 28.36 -17.28 6.21
C ARG B 80 27.18 -16.39 6.65
N ARG B 81 26.15 -16.98 7.27
CA ARG B 81 24.93 -16.31 7.70
C ARG B 81 24.88 -16.18 9.20
N GLN B 82 24.39 -15.05 9.70
CA GLN B 82 24.20 -14.87 11.12
C GLN B 82 23.05 -13.92 11.45
N GLN B 83 22.45 -14.11 12.63
CA GLN B 83 21.48 -13.19 13.19
C GLN B 83 22.35 -12.07 13.75
N TRP B 84 21.80 -10.88 13.82
CA TRP B 84 22.43 -9.74 14.42
C TRP B 84 21.41 -9.06 15.33
N SER B 85 21.90 -8.46 16.40
CA SER B 85 21.09 -7.74 17.37
C SER B 85 21.71 -6.34 17.50
N GLY B 86 21.01 -5.45 18.19
CA GLY B 86 21.48 -4.09 18.39
C GLY B 86 21.23 -3.25 17.16
N ARG B 87 22.12 -2.28 16.92
CA ARG B 87 22.01 -1.33 15.83
C ARG B 87 22.61 -1.84 14.52
N PRO B 88 21.95 -1.54 13.37
CA PRO B 88 22.45 -1.99 12.07
C PRO B 88 23.86 -1.53 11.71
N GLY B 89 24.20 -0.32 12.11
CA GLY B 89 25.49 0.28 11.85
C GLY B 89 26.63 -0.48 12.51
N ALA B 90 26.38 -1.01 13.73
CA ALA B 90 27.36 -1.80 14.48
C ALA B 90 27.62 -3.13 13.78
N ALA B 91 26.57 -3.79 13.28
CA ALA B 91 26.70 -5.06 12.58
C ALA B 91 27.40 -4.85 11.22
N LEU B 92 27.01 -3.79 10.51
CA LEU B 92 27.60 -3.45 9.22
C LEU B 92 29.07 -3.03 9.37
N GLY B 93 29.33 -2.14 10.33
CA GLY B 93 30.64 -1.59 10.62
C GLY B 93 31.66 -2.65 10.94
N GLU B 94 31.28 -3.63 11.80
CA GLU B 94 32.13 -4.75 12.17
C GLU B 94 32.57 -5.58 10.95
N ALA B 95 31.61 -5.93 10.09
CA ALA B 95 31.87 -6.71 8.88
C ALA B 95 32.67 -5.91 7.81
N VAL B 96 32.37 -4.62 7.63
CA VAL B 96 33.06 -3.74 6.67
C VAL B 96 34.51 -3.46 7.11
N ASP B 97 34.73 -3.17 8.40
CA ASP B 97 36.07 -2.94 8.95
C ASP B 97 37.00 -4.16 8.70
N ARG B 98 36.47 -5.38 8.85
CA ARG B 98 37.19 -6.64 8.58
C ARG B 98 37.59 -6.76 7.10
N LEU B 99 36.68 -6.42 6.13
CA LEU B 99 37.03 -6.41 4.69
C LEU B 99 38.16 -5.40 4.45
N LEU B 100 38.10 -4.24 5.12
CA LEU B 100 39.06 -3.17 4.94
C LEU B 100 40.43 -3.40 5.59
N LEU B 101 40.60 -4.51 6.31
CA LEU B 101 41.91 -4.87 6.89
C LEU B 101 42.88 -5.28 5.80
N GLU B 102 42.37 -5.83 4.69
CA GLU B 102 43.12 -6.36 3.55
C GLU B 102 42.93 -5.59 2.22
N THR B 103 42.05 -4.58 2.18
CA THR B 103 41.78 -3.78 0.99
C THR B 103 41.71 -2.28 1.32
N ASP B 104 41.98 -1.41 0.33
CA ASP B 104 41.96 0.04 0.59
C ASP B 104 40.55 0.60 0.64
N GLN B 105 39.67 0.13 -0.26
CA GLN B 105 38.31 0.67 -0.37
C GLN B 105 37.22 -0.38 -0.55
N ALA B 106 36.01 -0.03 -0.10
CA ALA B 106 34.82 -0.86 -0.22
C ALA B 106 33.72 0.05 -0.76
N PHE B 107 32.80 -0.55 -1.53
CA PHE B 107 31.75 0.22 -2.21
C PHE B 107 30.42 -0.43 -1.99
N GLY B 108 29.38 0.33 -2.18
CA GLY B 108 28.06 -0.25 -2.08
C GLY B 108 26.94 0.76 -1.98
N TRP B 109 25.86 0.29 -1.35
CA TRP B 109 24.70 1.12 -1.16
C TRP B 109 24.02 0.84 0.16
N VAL B 110 23.32 1.86 0.65
CA VAL B 110 22.62 1.81 1.92
C VAL B 110 21.17 2.18 1.60
N ALA B 111 20.24 1.35 2.07
CA ALA B 111 18.81 1.52 1.87
C ALA B 111 18.24 2.68 2.70
N PHE B 112 17.08 3.21 2.29
CA PHE B 112 16.32 4.17 3.10
C PHE B 112 16.03 3.49 4.49
N GLU B 113 15.77 2.18 4.49
CA GLU B 113 15.42 1.36 5.68
C GLU B 113 16.54 1.22 6.73
N PHE B 114 17.80 1.52 6.36
CA PHE B 114 18.98 1.41 7.24
C PHE B 114 18.82 1.99 8.66
N GLY B 115 18.38 3.23 8.76
CA GLY B 115 18.23 3.84 10.08
C GLY B 115 16.83 3.92 10.66
N VAL B 116 15.81 3.23 10.08
CA VAL B 116 14.42 3.31 10.58
C VAL B 116 14.21 2.85 12.07
N HIS B 117 15.15 2.11 12.61
CA HIS B 117 15.04 1.69 13.97
C HIS B 117 15.05 2.89 14.93
N ARG B 118 15.68 4.00 14.54
CA ARG B 118 15.78 5.24 15.32
C ARG B 118 14.38 5.84 15.51
N TYR B 119 13.41 5.49 14.63
CA TYR B 119 12.06 6.07 14.62
C TYR B 119 10.98 5.05 15.01
N GLY B 120 11.42 3.99 15.67
CA GLY B 120 10.59 2.90 16.17
C GLY B 120 9.81 2.14 15.11
N LEU B 121 10.46 1.84 13.97
CA LEU B 121 9.78 1.22 12.86
C LEU B 121 10.41 -0.06 12.34
N GLN B 122 11.50 -0.56 12.97
CA GLN B 122 12.16 -1.77 12.48
C GLN B 122 11.27 -3.01 12.48
N GLN B 123 10.31 -3.11 13.44
CA GLN B 123 9.40 -4.26 13.56
C GLN B 123 8.49 -4.43 12.36
N ARG B 124 8.27 -3.35 11.57
CA ARG B 124 7.41 -3.36 10.39
C ARG B 124 8.13 -3.83 9.15
N LEU B 125 9.46 -3.91 9.21
CA LEU B 125 10.20 -4.41 8.05
C LEU B 125 9.93 -5.89 7.90
N ALA B 126 9.52 -6.31 6.71
CA ALA B 126 9.27 -7.70 6.36
C ALA B 126 10.59 -8.48 6.42
N PRO B 127 10.59 -9.79 6.62
CA PRO B 127 11.84 -10.53 6.56
C PRO B 127 12.58 -10.34 5.25
N HIS B 128 13.90 -10.43 5.30
CA HIS B 128 14.77 -10.22 4.17
C HIS B 128 14.72 -8.80 3.55
N THR B 129 14.43 -7.79 4.31
CA THR B 129 14.47 -6.44 3.77
C THR B 129 15.91 -5.98 3.74
N PRO B 130 16.39 -5.60 2.55
CA PRO B 130 17.78 -5.15 2.46
C PRO B 130 18.00 -3.82 3.19
N LEU B 131 19.10 -3.73 3.96
CA LEU B 131 19.50 -2.52 4.66
C LEU B 131 20.76 -1.93 4.04
N ALA B 132 21.70 -2.81 3.64
CA ALA B 132 22.95 -2.37 3.03
C ALA B 132 23.61 -3.49 2.27
N ARG B 133 24.40 -3.13 1.24
CA ARG B 133 25.18 -4.06 0.41
C ARG B 133 26.54 -3.40 0.19
N VAL B 134 27.61 -3.95 0.80
CA VAL B 134 28.95 -3.38 0.65
C VAL B 134 29.94 -4.46 0.23
N PHE B 135 30.77 -4.19 -0.80
CA PHE B 135 31.73 -5.18 -1.25
C PHE B 135 33.12 -4.61 -1.35
N SER B 136 34.11 -5.49 -1.22
CA SER B 136 35.50 -5.14 -1.50
C SER B 136 35.68 -5.59 -2.98
N PRO B 137 36.18 -4.70 -3.87
CA PRO B 137 36.29 -5.08 -5.29
C PRO B 137 37.54 -5.90 -5.60
N ARG B 138 37.51 -6.65 -6.70
CA ARG B 138 38.70 -7.38 -7.14
C ARG B 138 39.67 -6.40 -7.79
N THR B 139 39.13 -5.45 -8.55
CA THR B 139 39.95 -4.47 -9.24
C THR B 139 39.30 -3.10 -9.15
N ARG B 140 40.12 -2.06 -9.15
CA ARG B 140 39.64 -0.68 -9.20
C ARG B 140 40.32 0.00 -10.37
N ILE B 141 39.56 0.70 -11.19
CA ILE B 141 40.06 1.49 -12.31
C ILE B 141 39.54 2.91 -12.08
N MET B 142 40.46 3.88 -11.91
CA MET B 142 40.10 5.28 -11.67
C MET B 142 40.35 6.07 -12.94
N VAL B 143 39.29 6.67 -13.47
CA VAL B 143 39.36 7.43 -14.74
C VAL B 143 39.05 8.90 -14.47
N SER B 144 39.96 9.78 -14.91
CA SER B 144 39.81 11.24 -14.81
C SER B 144 40.21 11.86 -16.12
N GLU B 145 40.17 13.20 -16.21
CA GLU B 145 40.63 13.94 -17.40
C GLU B 145 42.15 13.72 -17.54
N LYS B 146 42.85 13.69 -16.41
CA LYS B 146 44.30 13.52 -16.33
C LYS B 146 44.79 12.11 -16.69
N GLU B 147 44.23 11.08 -16.06
CA GLU B 147 44.69 9.71 -16.21
C GLU B 147 43.73 8.55 -15.93
N ILE B 148 44.23 7.34 -16.18
CA ILE B 148 43.56 6.08 -15.86
C ILE B 148 44.52 5.40 -14.88
N ARG B 149 44.10 5.27 -13.60
CA ARG B 149 44.87 4.59 -12.53
C ARG B 149 44.30 3.18 -12.32
N LEU B 150 45.17 2.16 -12.26
CA LEU B 150 44.77 0.77 -12.10
C LEU B 150 45.23 0.23 -10.76
N PHE B 151 44.34 -0.50 -10.06
CA PHE B 151 44.61 -1.10 -8.76
C PHE B 151 44.20 -2.57 -8.82
N ASP B 152 45.15 -3.49 -8.61
CA ASP B 152 44.94 -4.94 -8.67
C ASP B 152 44.35 -5.40 -10.01
N ALA B 153 44.76 -4.74 -11.11
CA ALA B 153 44.28 -5.05 -12.45
C ALA B 153 45.11 -6.13 -13.10
N GLY B 154 44.44 -6.94 -13.92
CA GLY B 154 45.05 -8.01 -14.69
C GLY B 154 45.13 -7.63 -16.15
N ILE B 155 45.50 -8.59 -16.99
CA ILE B 155 45.52 -8.40 -18.44
C ILE B 155 44.15 -8.08 -18.99
N ARG B 156 43.19 -8.95 -18.77
CA ARG B 156 41.85 -8.61 -19.22
C ARG B 156 41.66 -7.09 -19.14
N HIS B 157 42.00 -6.46 -18.02
CA HIS B 157 41.83 -5.03 -17.85
C HIS B 157 42.62 -4.05 -18.67
N ARG B 158 43.94 -4.17 -18.65
CA ARG B 158 44.73 -3.31 -19.50
C ARG B 158 44.52 -3.56 -20.99
N GLU B 159 43.94 -4.68 -21.38
CA GLU B 159 43.63 -4.91 -22.80
C GLU B 159 42.28 -4.25 -23.15
N ALA B 160 41.31 -4.22 -22.18
CA ALA B 160 40.01 -3.54 -22.38
C ALA B 160 40.24 -2.06 -22.59
N ILE B 161 41.19 -1.47 -21.81
CA ILE B 161 41.53 -0.05 -21.90
C ILE B 161 42.21 0.26 -23.26
N ASP B 162 43.26 -0.49 -23.64
CA ASP B 162 43.98 -0.34 -24.92
C ASP B 162 43.01 -0.38 -26.10
N ARG B 163 42.13 -1.40 -26.14
CA ARG B 163 41.11 -1.52 -27.20
C ARG B 163 40.24 -0.26 -27.30
N LEU B 164 39.64 0.20 -26.16
CA LEU B 164 38.77 1.39 -26.13
C LEU B 164 39.53 2.65 -26.51
N LEU B 165 40.80 2.75 -26.12
CA LEU B 165 41.60 3.91 -26.51
C LEU B 165 41.97 3.87 -28.00
N ALA B 166 42.18 2.65 -28.54
CA ALA B 166 42.50 2.46 -29.95
C ALA B 166 41.30 2.69 -30.88
N THR B 167 40.15 2.08 -30.56
CA THR B 167 38.91 2.13 -31.37
C THR B 167 37.93 3.25 -30.98
N GLY B 168 37.98 3.69 -29.72
CA GLY B 168 37.05 4.69 -29.22
C GLY B 168 35.85 4.03 -28.59
N VAL B 169 35.02 4.80 -27.90
CA VAL B 169 33.78 4.32 -27.28
C VAL B 169 32.67 4.19 -28.33
N ARG B 170 31.64 3.38 -28.05
N ARG B 170 31.69 3.30 -28.12
CA ARG B 170 30.46 3.20 -28.90
CA ARG B 170 30.61 3.19 -29.10
C ARG B 170 29.73 4.53 -29.04
C ARG B 170 29.70 4.43 -29.05
N GLU B 171 29.08 4.74 -30.20
CA GLU B 171 28.21 5.89 -30.39
C GLU B 171 26.94 5.54 -29.59
N VAL B 172 26.39 6.51 -28.86
CA VAL B 172 25.20 6.25 -28.05
C VAL B 172 23.98 6.17 -28.97
N PRO B 173 23.21 5.05 -28.94
CA PRO B 173 21.99 4.97 -29.78
C PRO B 173 20.94 6.03 -29.38
N GLN B 174 19.90 6.17 -30.21
CA GLN B 174 18.79 7.09 -29.95
C GLN B 174 18.02 6.55 -28.74
N SER B 175 17.50 7.46 -27.92
CA SER B 175 16.74 7.09 -26.73
C SER B 175 15.32 6.67 -27.11
N ARG B 176 14.61 5.96 -26.20
CA ARG B 176 13.24 5.49 -26.40
C ARG B 176 12.36 6.17 -25.35
N SER B 177 11.22 6.73 -25.79
CA SER B 177 10.30 7.47 -24.93
C SER B 177 9.53 6.58 -23.95
N VAL B 178 9.14 7.20 -22.82
CA VAL B 178 8.40 6.53 -21.75
C VAL B 178 7.25 7.40 -21.31
N ASP B 179 6.12 6.79 -21.00
CA ASP B 179 4.97 7.52 -20.50
C ASP B 179 5.06 7.59 -18.98
N VAL B 180 5.00 8.82 -18.42
CA VAL B 180 5.05 9.03 -16.96
C VAL B 180 3.74 9.59 -16.42
N SER B 181 2.71 9.69 -17.29
CA SER B 181 1.40 10.28 -16.98
C SER B 181 0.43 9.41 -16.17
N ASP B 182 0.62 8.09 -16.11
CA ASP B 182 -0.28 7.23 -15.32
C ASP B 182 0.04 7.33 -13.81
N ASP B 183 -0.97 7.01 -12.97
CA ASP B 183 -0.83 7.02 -11.52
C ASP B 183 -1.37 5.72 -10.92
N PRO B 184 -0.82 4.53 -11.27
CA PRO B 184 -1.36 3.28 -10.69
C PRO B 184 -1.15 3.13 -9.19
N SER B 185 -0.16 3.85 -8.59
CA SER B 185 0.13 3.71 -7.16
C SER B 185 -0.65 4.76 -6.35
N GLY B 186 -1.49 5.53 -7.03
CA GLY B 186 -2.34 6.55 -6.43
C GLY B 186 -1.61 7.66 -5.73
N PHE B 187 -0.54 8.20 -6.36
CA PHE B 187 0.25 9.32 -5.80
C PHE B 187 -0.63 10.49 -5.34
N ARG B 188 -1.62 10.87 -6.16
CA ARG B 188 -2.54 11.97 -5.82
C ARG B 188 -3.41 11.66 -4.62
N ARG B 189 -3.86 10.38 -4.47
CA ARG B 189 -4.63 9.99 -3.29
C ARG B 189 -3.74 10.09 -2.07
N ARG B 190 -2.49 9.62 -2.22
CA ARG B 190 -1.56 9.56 -1.12
C ARG B 190 -1.18 10.96 -0.63
N VAL B 191 -0.97 11.89 -1.56
CA VAL B 191 -0.72 13.31 -1.24
C VAL B 191 -1.93 13.89 -0.49
N ALA B 192 -3.18 13.54 -0.91
CA ALA B 192 -4.39 14.08 -0.28
C ALA B 192 -4.47 13.65 1.17
N VAL B 193 -4.08 12.40 1.47
CA VAL B 193 -4.06 11.89 2.84
C VAL B 193 -3.01 12.65 3.68
N ALA B 194 -1.81 12.84 3.13
CA ALA B 194 -0.70 13.57 3.79
C ALA B 194 -1.15 15.00 4.11
N VAL B 195 -1.81 15.70 3.16
CA VAL B 195 -2.30 17.07 3.36
C VAL B 195 -3.28 17.13 4.54
N ASP B 196 -4.17 16.10 4.66
CA ASP B 196 -5.13 15.99 5.76
C ASP B 196 -4.44 15.77 7.10
N GLU B 197 -3.42 14.91 7.14
CA GLU B 197 -2.67 14.65 8.37
C GLU B 197 -1.88 15.88 8.79
N ILE B 198 -1.37 16.65 7.82
CA ILE B 198 -0.63 17.89 8.08
C ILE B 198 -1.60 18.91 8.71
N ALA B 199 -2.80 19.07 8.11
CA ALA B 199 -3.86 19.96 8.61
C ALA B 199 -4.31 19.57 10.01
N ALA B 200 -4.29 18.26 10.33
CA ALA B 200 -4.63 17.71 11.66
C ALA B 200 -3.46 17.84 12.68
N GLY B 201 -2.34 18.44 12.24
CA GLY B 201 -1.17 18.66 13.07
C GLY B 201 -0.29 17.45 13.35
N ARG B 202 -0.43 16.36 12.57
CA ARG B 202 0.36 15.12 12.75
C ARG B 202 1.86 15.31 12.51
N TYR B 203 2.18 16.13 11.51
CA TYR B 203 3.55 16.53 11.07
C TYR B 203 3.41 17.77 10.18
N HIS B 204 4.53 18.39 9.80
CA HIS B 204 4.56 19.61 8.98
C HIS B 204 4.85 19.32 7.52
N LYS B 205 5.67 18.29 7.26
CA LYS B 205 6.11 17.98 5.88
C LYS B 205 6.41 16.51 5.72
N VAL B 206 6.16 15.96 4.53
CA VAL B 206 6.49 14.58 4.18
C VAL B 206 6.90 14.55 2.73
N ILE B 207 7.90 13.74 2.40
CA ILE B 207 8.32 13.57 1.01
C ILE B 207 7.64 12.27 0.56
N LEU B 208 6.81 12.35 -0.48
CA LEU B 208 6.15 11.18 -1.04
C LEU B 208 6.62 11.03 -2.47
N SER B 209 6.62 9.81 -2.97
CA SER B 209 7.15 9.52 -4.27
C SER B 209 6.26 8.55 -5.05
N ARG B 210 6.63 8.27 -6.29
CA ARG B 210 5.92 7.27 -7.08
C ARG B 210 6.91 6.58 -8.01
N CYS B 211 6.67 5.29 -8.24
CA CYS B 211 7.42 4.49 -9.19
C CYS B 211 6.77 4.63 -10.55
N VAL B 212 7.57 4.60 -11.60
CA VAL B 212 7.10 4.63 -12.98
C VAL B 212 7.73 3.43 -13.67
N GLU B 213 6.90 2.44 -14.04
CA GLU B 213 7.41 1.23 -14.69
C GLU B 213 7.89 1.53 -16.10
N VAL B 214 9.09 1.03 -16.49
CA VAL B 214 9.64 1.21 -17.83
C VAL B 214 9.29 -0.10 -18.55
N PRO B 215 8.49 -0.05 -19.63
CA PRO B 215 8.05 -1.30 -20.26
C PRO B 215 9.05 -2.02 -21.17
N PHE B 216 10.30 -1.54 -21.20
CA PHE B 216 11.36 -2.17 -21.96
C PHE B 216 12.63 -2.20 -21.09
N ALA B 217 13.50 -3.17 -21.31
CA ALA B 217 14.74 -3.24 -20.54
C ALA B 217 15.71 -2.19 -21.09
N ILE B 218 16.42 -1.51 -20.19
CA ILE B 218 17.32 -0.45 -20.67
C ILE B 218 18.76 -0.91 -20.64
N ASP B 219 19.61 -0.28 -21.46
CA ASP B 219 21.04 -0.56 -21.41
C ASP B 219 21.56 0.45 -20.39
N PHE B 220 21.93 -0.04 -19.18
CA PHE B 220 22.39 0.82 -18.08
C PHE B 220 23.64 1.61 -18.40
N PRO B 221 24.75 1.02 -18.94
CA PRO B 221 25.92 1.85 -19.26
C PRO B 221 25.66 2.92 -20.33
N LEU B 222 24.90 2.60 -21.38
CA LEU B 222 24.58 3.57 -22.44
C LEU B 222 23.66 4.70 -21.96
N THR B 223 22.61 4.34 -21.19
CA THR B 223 21.70 5.34 -20.59
C THR B 223 22.53 6.21 -19.61
N TYR B 224 23.43 5.59 -18.81
CA TYR B 224 24.27 6.36 -17.90
C TYR B 224 25.03 7.44 -18.68
N ARG B 225 25.73 7.02 -19.75
CA ARG B 225 26.50 7.92 -20.62
C ARG B 225 25.66 9.05 -21.17
N LEU B 226 24.46 8.74 -21.69
CA LEU B 226 23.57 9.73 -22.29
C LEU B 226 23.02 10.75 -21.26
N GLY B 227 22.49 10.26 -20.14
CA GLY B 227 22.02 11.14 -19.07
C GLY B 227 23.14 11.98 -18.50
N ARG B 228 24.37 11.42 -18.38
CA ARG B 228 25.54 12.15 -17.86
C ARG B 228 25.94 13.35 -18.73
N ARG B 229 25.58 13.35 -20.00
CA ARG B 229 25.80 14.43 -20.90
C ARG B 229 24.89 15.60 -20.67
N HIS B 230 23.76 15.35 -20.05
CA HIS B 230 22.74 16.38 -19.84
C HIS B 230 22.43 16.65 -18.35
N ASN B 231 23.31 16.19 -17.48
CA ASN B 231 23.22 16.34 -16.01
C ASN B 231 24.63 16.53 -15.51
N THR B 232 24.89 17.55 -14.66
CA THR B 232 26.21 17.74 -14.07
C THR B 232 26.04 17.65 -12.53
N PRO B 233 26.04 16.42 -11.97
CA PRO B 233 25.78 16.29 -10.53
C PRO B 233 27.03 16.43 -9.66
N VAL B 234 26.87 16.43 -8.35
CA VAL B 234 27.97 16.43 -7.39
C VAL B 234 28.53 15.01 -7.38
N ARG B 235 27.66 14.01 -7.51
CA ARG B 235 28.05 12.59 -7.57
C ARG B 235 27.14 11.90 -8.57
N SER B 236 27.59 10.78 -9.12
CA SER B 236 26.77 9.94 -10.01
C SER B 236 27.26 8.52 -9.92
N PHE B 237 26.45 7.58 -10.38
CA PHE B 237 26.81 6.19 -10.24
C PHE B 237 26.14 5.35 -11.29
N LEU B 238 26.71 4.17 -11.47
CA LEU B 238 26.25 3.12 -12.38
C LEU B 238 26.69 1.83 -11.73
N LEU B 239 25.75 0.89 -11.54
CA LEU B 239 26.08 -0.33 -10.86
C LEU B 239 25.29 -1.52 -11.32
N GLN B 240 25.85 -2.70 -11.05
CA GLN B 240 25.21 -3.99 -11.18
C GLN B 240 25.73 -4.74 -9.99
N LEU B 241 24.88 -4.99 -9.01
CA LEU B 241 25.35 -5.61 -7.77
C LEU B 241 24.26 -6.47 -7.15
N GLY B 242 24.55 -7.77 -7.05
CA GLY B 242 23.68 -8.79 -6.48
C GLY B 242 22.21 -8.67 -6.80
N GLY B 243 21.84 -8.78 -8.07
CA GLY B 243 20.41 -8.73 -8.40
C GLY B 243 19.86 -7.36 -8.74
N ILE B 244 20.62 -6.27 -8.46
CA ILE B 244 20.15 -4.93 -8.82
C ILE B 244 21.07 -4.25 -9.83
N ARG B 245 20.45 -3.57 -10.79
CA ARG B 245 21.11 -2.66 -11.73
C ARG B 245 20.55 -1.30 -11.37
N ALA B 246 21.40 -0.28 -11.29
CA ALA B 246 20.96 1.06 -10.97
C ALA B 246 21.92 2.09 -11.55
N LEU B 247 21.39 3.26 -11.86
CA LEU B 247 22.19 4.41 -12.32
C LEU B 247 21.50 5.66 -11.80
N GLY B 248 22.22 6.75 -11.65
CA GLY B 248 21.68 7.95 -11.08
C GLY B 248 22.62 9.13 -10.98
N TYR B 249 22.02 10.29 -10.82
CA TYR B 249 22.69 11.58 -10.75
C TYR B 249 22.21 12.23 -9.45
N SER B 250 23.19 12.66 -8.67
CA SER B 250 22.99 13.12 -7.33
C SER B 250 23.58 14.50 -7.15
N PRO B 251 22.88 15.51 -7.62
CA PRO B 251 23.35 16.90 -7.39
C PRO B 251 22.90 17.50 -6.06
N GLU B 252 22.00 16.82 -5.32
CA GLU B 252 21.41 17.45 -4.12
C GLU B 252 22.25 17.45 -2.89
N LEU B 253 22.82 16.28 -2.56
CA LEU B 253 23.52 16.17 -1.29
C LEU B 253 24.50 15.03 -1.30
N VAL B 254 25.66 15.28 -0.72
CA VAL B 254 26.71 14.30 -0.47
C VAL B 254 27.25 14.56 0.95
N THR B 255 27.58 13.50 1.68
CA THR B 255 28.17 13.65 3.01
C THR B 255 29.48 12.91 2.98
N ALA B 256 30.53 13.55 3.46
CA ALA B 256 31.85 12.96 3.47
C ALA B 256 32.43 12.97 4.86
N VAL B 257 33.06 11.87 5.27
CA VAL B 257 33.74 11.76 6.56
C VAL B 257 35.21 11.51 6.27
N ARG B 258 36.11 12.41 6.73
CA ARG B 258 37.55 12.25 6.52
C ARG B 258 38.13 11.36 7.61
N ALA B 259 39.39 10.90 7.42
CA ALA B 259 40.14 10.07 8.36
C ALA B 259 40.26 10.73 9.76
N ASP B 260 40.35 12.08 9.79
CA ASP B 260 40.47 12.86 11.02
C ASP B 260 39.15 13.14 11.78
N GLY B 261 38.02 12.68 11.25
CA GLY B 261 36.72 12.88 11.89
C GLY B 261 35.91 14.08 11.41
N VAL B 262 36.47 14.86 10.50
CA VAL B 262 35.79 16.02 9.93
C VAL B 262 34.67 15.52 8.97
N VAL B 263 33.45 16.02 9.18
CA VAL B 263 32.26 15.69 8.39
C VAL B 263 31.87 16.92 7.58
N ILE B 264 31.72 16.77 6.26
CA ILE B 264 31.36 17.85 5.32
C ILE B 264 30.09 17.43 4.57
N THR B 265 29.06 18.28 4.59
CA THR B 265 27.85 17.98 3.85
C THR B 265 27.46 19.17 2.96
N GLU B 266 27.11 18.90 1.70
CA GLU B 266 26.75 19.94 0.70
C GLU B 266 26.28 19.30 -0.63
N PRO B 267 25.76 20.10 -1.59
CA PRO B 267 25.45 21.54 -1.51
C PRO B 267 24.05 21.81 -0.98
N LEU B 268 23.28 20.77 -0.61
CA LEU B 268 21.90 20.88 -0.11
C LEU B 268 21.01 21.62 -1.11
N ALA B 269 21.21 21.35 -2.41
CA ALA B 269 20.46 22.06 -3.45
C ALA B 269 19.41 21.21 -4.18
N GLY B 270 18.13 21.48 -3.91
CA GLY B 270 17.00 20.82 -4.55
C GLY B 270 16.60 21.44 -5.87
N SER B 290 19.02 35.68 -6.87
CA SER B 290 18.21 34.48 -6.67
C SER B 290 16.76 34.84 -6.36
N ASN B 291 15.80 34.05 -6.88
CA ASN B 291 14.40 34.30 -6.61
C ASN B 291 14.05 33.78 -5.22
N SER B 292 12.92 34.27 -4.69
CA SER B 292 12.39 34.02 -3.36
C SER B 292 12.10 32.56 -3.07
N LYS B 293 11.48 31.84 -4.02
CA LYS B 293 11.14 30.42 -3.86
C LYS B 293 12.39 29.55 -3.58
N GLU B 294 13.47 29.80 -4.36
CA GLU B 294 14.75 29.08 -4.24
C GLU B 294 15.45 29.39 -2.91
N ILE B 295 15.34 30.63 -2.41
CA ILE B 295 15.93 31.01 -1.13
C ILE B 295 15.18 30.32 0.00
N VAL B 296 13.83 30.33 -0.03
CA VAL B 296 12.98 29.72 1.00
C VAL B 296 13.31 28.23 1.11
N GLU B 297 13.23 27.54 -0.01
CA GLU B 297 13.51 26.14 -0.08
C GLU B 297 14.93 25.83 0.36
N HIS B 298 15.87 26.60 -0.10
CA HIS B 298 17.22 26.37 0.34
C HIS B 298 17.41 26.57 1.87
N ALA B 299 16.82 27.63 2.42
CA ALA B 299 16.88 27.92 3.84
C ALA B 299 16.36 26.77 4.68
N ILE B 300 15.25 26.26 4.27
CA ILE B 300 14.58 25.14 4.95
C ILE B 300 15.48 23.91 4.95
N SER B 301 16.15 23.64 3.80
CA SER B 301 17.07 22.48 3.69
C SER B 301 18.25 22.64 4.66
N VAL B 302 18.85 23.85 4.69
CA VAL B 302 19.98 24.18 5.57
C VAL B 302 19.57 24.04 7.01
N ARG B 303 18.41 24.58 7.38
CA ARG B 303 17.86 24.47 8.73
C ARG B 303 17.74 23.00 9.17
N SER B 304 17.03 22.18 8.38
CA SER B 304 16.83 20.74 8.68
C SER B 304 18.12 19.94 8.70
N SER B 305 19.03 20.19 7.74
CA SER B 305 20.28 19.43 7.68
C SER B 305 21.18 19.73 8.87
N LEU B 306 21.36 21.04 9.18
CA LEU B 306 22.20 21.44 10.28
C LEU B 306 21.73 20.76 11.59
N GLU B 307 20.41 20.75 11.82
CA GLU B 307 19.82 20.10 12.98
C GLU B 307 20.13 18.60 13.01
N GLU B 308 20.04 17.95 11.84
CA GLU B 308 20.32 16.52 11.70
C GLU B 308 21.79 16.24 12.04
N ILE B 309 22.70 17.02 11.43
CA ILE B 309 24.15 16.88 11.62
C ILE B 309 24.52 17.11 13.11
N THR B 310 23.92 18.13 13.76
CA THR B 310 24.14 18.47 15.19
C THR B 310 23.94 17.27 16.08
N ASP B 311 22.89 16.48 15.80
CA ASP B 311 22.54 15.28 16.56
C ASP B 311 23.63 14.21 16.63
N ILE B 312 24.51 14.09 15.60
CA ILE B 312 25.60 13.10 15.65
C ILE B 312 27.00 13.67 15.87
N ALA B 313 27.19 14.96 15.60
CA ALA B 313 28.48 15.64 15.72
C ALA B 313 28.89 15.94 17.15
N GLU B 314 30.21 16.22 17.37
CA GLU B 314 30.75 16.61 18.66
C GLU B 314 30.01 17.93 19.02
N PRO B 315 29.44 18.10 20.25
CA PRO B 315 28.76 19.36 20.57
C PRO B 315 29.63 20.59 20.29
N GLY B 316 29.01 21.59 19.66
CA GLY B 316 29.68 22.84 19.31
C GLY B 316 30.50 22.82 18.02
N SER B 317 30.61 21.66 17.33
CA SER B 317 31.40 21.59 16.10
C SER B 317 30.62 21.83 14.80
N ALA B 318 29.28 21.66 14.82
CA ALA B 318 28.47 21.83 13.61
C ALA B 318 28.26 23.30 13.25
N ALA B 319 28.56 23.62 11.99
CA ALA B 319 28.42 24.99 11.51
C ALA B 319 28.23 25.02 9.99
N VAL B 320 27.53 26.04 9.48
CA VAL B 320 27.35 26.29 8.07
C VAL B 320 28.52 27.24 7.69
N ILE B 321 29.56 26.70 7.03
CA ILE B 321 30.78 27.43 6.69
C ILE B 321 30.70 28.20 5.39
N ASP B 322 29.73 27.84 4.57
CA ASP B 322 29.51 28.52 3.31
C ASP B 322 28.04 28.53 3.19
N PHE B 323 27.47 29.74 3.19
CA PHE B 323 26.04 29.91 3.36
C PHE B 323 25.40 30.57 2.20
N MET B 324 24.49 29.81 1.54
CA MET B 324 23.67 30.28 0.43
C MET B 324 24.43 31.03 -0.67
N THR B 325 25.54 30.42 -1.13
CA THR B 325 26.35 30.98 -2.20
C THR B 325 25.89 30.42 -3.53
N VAL B 326 26.04 31.21 -4.60
CA VAL B 326 25.68 30.75 -5.95
C VAL B 326 26.85 29.91 -6.45
N ARG B 327 26.56 28.66 -6.83
CA ARG B 327 27.57 27.74 -7.37
C ARG B 327 27.24 27.44 -8.82
N GLU B 328 28.26 27.15 -9.63
CA GLU B 328 28.12 26.85 -11.06
C GLU B 328 28.71 25.48 -11.41
N GLN B 333 23.77 27.63 -12.67
CA GLN B 333 23.82 28.38 -11.41
C GLN B 333 22.70 27.96 -10.45
N HIS B 334 23.05 27.74 -9.19
CA HIS B 334 22.09 27.38 -8.14
C HIS B 334 22.63 27.72 -6.73
N LEU B 335 21.75 27.77 -5.74
CA LEU B 335 22.14 28.09 -4.37
C LEU B 335 22.66 26.83 -3.68
N GLY B 336 23.74 26.97 -2.95
CA GLY B 336 24.32 25.87 -2.20
C GLY B 336 24.92 26.32 -0.89
N SER B 337 24.99 25.40 0.06
CA SER B 337 25.60 25.63 1.37
C SER B 337 26.48 24.43 1.74
N THR B 338 27.51 24.66 2.58
CA THR B 338 28.42 23.62 3.07
C THR B 338 28.33 23.61 4.57
N ILE B 339 27.89 22.48 5.14
CA ILE B 339 27.82 22.29 6.59
C ILE B 339 29.04 21.46 6.94
N ARG B 340 29.74 21.86 8.01
CA ARG B 340 30.93 21.18 8.52
C ARG B 340 30.68 20.81 9.96
N ALA B 341 31.22 19.68 10.41
CA ALA B 341 31.13 19.23 11.80
C ALA B 341 32.29 18.28 12.10
N ARG B 342 32.38 17.80 13.34
CA ARG B 342 33.39 16.77 13.66
C ARG B 342 32.66 15.61 14.24
N LEU B 343 32.97 14.41 13.81
CA LEU B 343 32.34 13.24 14.34
C LEU B 343 32.58 13.10 15.82
N ASP B 344 31.50 12.93 16.55
CA ASP B 344 31.56 12.60 17.95
C ASP B 344 32.48 11.42 18.16
N PRO B 345 33.40 11.57 19.08
CA PRO B 345 34.48 10.63 19.28
C PRO B 345 33.98 9.33 19.86
N SER B 346 32.75 9.34 20.36
CA SER B 346 32.11 8.15 20.83
C SER B 346 31.20 7.62 19.78
N SER B 347 31.50 7.95 18.55
CA SER B 347 30.65 7.63 17.43
C SER B 347 31.49 7.08 16.30
N ASP B 348 30.85 6.75 15.21
CA ASP B 348 31.62 6.24 14.06
C ASP B 348 30.89 6.51 12.75
N ARG B 349 31.53 6.18 11.60
CA ARG B 349 30.97 6.42 10.26
C ARG B 349 29.64 5.69 10.02
N MET B 350 29.48 4.50 10.57
CA MET B 350 28.24 3.72 10.40
C MET B 350 27.10 4.28 11.22
N ALA B 351 27.39 4.77 12.44
CA ALA B 351 26.40 5.41 13.29
C ALA B 351 25.96 6.70 12.62
N ALA B 352 26.91 7.41 11.94
CA ALA B 352 26.57 8.61 11.18
C ALA B 352 25.61 8.23 10.04
N LEU B 353 25.87 7.10 9.34
CA LEU B 353 25.03 6.58 8.27
C LEU B 353 23.64 6.29 8.73
N GLU B 354 23.48 5.74 9.93
CA GLU B 354 22.17 5.47 10.50
C GLU B 354 21.35 6.74 10.66
N ALA B 355 21.97 7.80 11.12
CA ALA B 355 21.32 9.08 11.28
C ALA B 355 21.07 9.88 10.00
N LEU B 356 21.73 9.51 8.93
CA LEU B 356 21.67 10.19 7.64
C LEU B 356 20.72 9.53 6.65
N PHE B 357 20.35 8.29 6.89
CA PHE B 357 19.51 7.52 6.02
C PHE B 357 18.59 6.63 6.84
N PRO B 358 17.31 6.97 6.97
CA PRO B 358 16.56 8.09 6.31
C PRO B 358 17.19 9.48 6.43
N ALA B 359 17.15 10.27 5.35
CA ALA B 359 17.67 11.63 5.27
C ALA B 359 16.52 12.59 5.49
N VAL B 360 16.64 13.52 6.44
CA VAL B 360 15.59 14.51 6.76
C VAL B 360 15.05 15.22 5.50
N THR B 361 15.94 15.56 4.53
CA THR B 361 15.51 16.29 3.32
C THR B 361 14.69 15.42 2.34
N ALA B 362 14.75 14.08 2.48
CA ALA B 362 13.95 13.18 1.65
C ALA B 362 12.94 12.39 2.51
N SER B 363 12.69 12.85 3.75
CA SER B 363 11.81 12.18 4.70
C SER B 363 10.66 13.11 5.10
N GLY B 364 10.96 14.13 5.88
CA GLY B 364 9.96 15.11 6.29
C GLY B 364 10.30 15.75 7.60
N ILE B 365 9.36 16.53 8.12
CA ILE B 365 9.50 17.33 9.35
C ILE B 365 8.24 17.20 10.23
N PRO B 366 8.36 16.81 11.52
CA PRO B 366 9.57 16.32 12.22
C PRO B 366 9.97 15.01 11.55
N LYS B 367 11.26 14.74 11.51
CA LYS B 367 11.84 13.57 10.87
C LYS B 367 11.15 12.26 11.22
N ALA B 368 11.03 11.92 12.54
CA ALA B 368 10.41 10.67 12.99
C ALA B 368 8.98 10.50 12.43
N ALA B 369 8.17 11.60 12.41
CA ALA B 369 6.79 11.55 11.91
C ALA B 369 6.76 11.48 10.38
N GLY B 370 7.73 12.11 9.72
CA GLY B 370 7.88 12.05 8.27
C GLY B 370 8.19 10.63 7.81
N VAL B 371 9.13 9.93 8.51
CA VAL B 371 9.52 8.55 8.21
C VAL B 371 8.32 7.61 8.41
N GLU B 372 7.59 7.73 9.54
CA GLU B 372 6.43 6.86 9.79
C GLU B 372 5.34 7.06 8.72
N ALA B 373 5.09 8.31 8.28
CA ALA B 373 4.09 8.57 7.25
C ALA B 373 4.50 7.93 5.91
N ILE B 374 5.82 7.89 5.60
CA ILE B 374 6.37 7.21 4.41
C ILE B 374 6.05 5.70 4.44
N PHE B 375 6.09 5.05 5.62
CA PHE B 375 5.77 3.63 5.76
C PHE B 375 4.32 3.39 5.41
N ARG B 376 3.44 4.37 5.64
CA ARG B 376 2.01 4.20 5.36
C ARG B 376 1.63 4.72 3.99
N LEU B 377 2.27 5.76 3.52
CA LEU B 377 1.82 6.50 2.35
C LEU B 377 2.75 6.48 1.12
N ASP B 378 3.80 5.69 1.20
CA ASP B 378 4.67 5.49 0.08
C ASP B 378 4.85 4.00 -0.20
N GLU B 379 5.22 3.66 -1.43
CA GLU B 379 5.56 2.29 -1.77
C GLU B 379 6.82 1.82 -1.06
N CYS B 380 6.66 0.91 -0.11
CA CYS B 380 7.73 0.42 0.74
C CYS B 380 8.05 -1.06 0.55
N PRO B 381 9.33 -1.49 0.66
CA PRO B 381 10.53 -0.72 1.03
C PRO B 381 10.98 0.27 -0.04
N ARG B 382 11.57 1.42 0.36
CA ARG B 382 12.07 2.37 -0.65
C ARG B 382 13.36 1.85 -1.26
N GLY B 383 14.13 1.14 -0.46
CA GLY B 383 15.40 0.56 -0.89
C GLY B 383 16.42 1.62 -1.24
N LEU B 384 16.97 1.56 -2.47
CA LEU B 384 17.96 2.53 -2.92
C LEU B 384 17.39 3.94 -3.04
N TYR B 385 16.09 4.08 -3.38
CA TYR B 385 15.49 5.41 -3.52
C TYR B 385 15.52 6.18 -2.19
N SER B 386 16.20 7.35 -2.18
CA SER B 386 16.40 8.15 -0.99
C SER B 386 17.35 7.47 0.05
N GLY B 387 18.04 6.42 -0.41
CA GLY B 387 19.10 5.79 0.34
C GLY B 387 20.40 6.44 -0.12
N ALA B 388 21.54 5.72 0.01
CA ALA B 388 22.84 6.28 -0.44
C ALA B 388 23.69 5.31 -1.25
N VAL B 389 24.58 5.85 -2.10
CA VAL B 389 25.59 5.04 -2.78
C VAL B 389 26.85 5.48 -2.05
N VAL B 390 27.62 4.49 -1.55
CA VAL B 390 28.77 4.75 -0.67
C VAL B 390 30.11 4.25 -1.19
N MET B 391 31.17 4.97 -0.77
CA MET B 391 32.57 4.61 -1.00
C MET B 391 33.24 4.75 0.38
N LEU B 392 33.78 3.65 0.90
CA LEU B 392 34.43 3.59 2.22
C LEU B 392 35.93 3.31 2.07
N SER B 393 36.74 3.91 2.94
CA SER B 393 38.19 3.73 2.89
C SER B 393 38.72 3.10 4.20
N ALA B 394 39.81 2.33 4.11
CA ALA B 394 40.46 1.67 5.26
C ALA B 394 40.84 2.68 6.37
N ASP B 395 41.17 3.94 5.99
CA ASP B 395 41.54 4.99 6.95
C ASP B 395 40.34 5.57 7.76
N GLY B 396 39.13 5.10 7.51
CA GLY B 396 37.94 5.60 8.21
C GLY B 396 37.04 6.50 7.35
N GLY B 397 37.53 6.83 6.17
CA GLY B 397 36.80 7.67 5.24
C GLY B 397 35.47 7.10 4.79
N LEU B 398 34.55 8.01 4.48
CA LEU B 398 33.22 7.67 3.96
C LEU B 398 32.82 8.80 3.02
N ASP B 399 32.28 8.44 1.84
CA ASP B 399 31.70 9.36 0.86
C ASP B 399 30.32 8.79 0.57
N ALA B 400 29.25 9.50 0.93
CA ALA B 400 27.87 8.98 0.76
C ALA B 400 27.00 9.95 -0.03
N ALA B 401 26.58 9.52 -1.21
CA ALA B 401 25.75 10.33 -2.08
C ALA B 401 24.29 9.98 -1.86
N LEU B 402 23.46 11.00 -1.50
CA LEU B 402 22.01 10.79 -1.35
C LEU B 402 21.49 10.55 -2.75
N THR B 403 20.75 9.45 -2.95
CA THR B 403 20.27 9.13 -4.29
C THR B 403 18.77 9.26 -4.38
N LEU B 404 18.30 10.14 -5.30
CA LEU B 404 16.88 10.40 -5.49
C LEU B 404 16.55 10.18 -6.98
N ARG B 405 17.28 10.83 -7.89
CA ARG B 405 17.05 10.61 -9.34
C ARG B 405 17.72 9.38 -9.83
N ALA B 406 16.93 8.29 -10.02
CA ALA B 406 17.54 7.08 -10.52
C ALA B 406 16.66 6.15 -11.37
N ALA B 407 17.32 5.17 -11.99
CA ALA B 407 16.64 4.11 -12.73
C ALA B 407 17.14 2.82 -12.10
N TYR B 408 16.27 1.79 -12.00
CA TYR B 408 16.58 0.49 -11.37
C TYR B 408 16.04 -0.66 -12.19
N GLN B 409 16.66 -1.81 -12.05
CA GLN B 409 16.21 -3.06 -12.63
C GLN B 409 16.49 -4.15 -11.63
N VAL B 410 15.44 -4.90 -11.26
CA VAL B 410 15.54 -6.04 -10.35
C VAL B 410 14.71 -7.10 -11.08
N GLY B 411 15.36 -8.16 -11.55
CA GLY B 411 14.73 -9.20 -12.35
C GLY B 411 14.21 -8.62 -13.64
N GLY B 412 12.99 -8.97 -14.01
CA GLY B 412 12.35 -8.42 -15.20
C GLY B 412 11.75 -7.05 -15.01
N ARG B 413 11.83 -6.47 -13.79
CA ARG B 413 11.22 -5.15 -13.51
C ARG B 413 12.19 -3.98 -13.66
N THR B 414 11.85 -3.03 -14.54
CA THR B 414 12.62 -1.81 -14.77
C THR B 414 11.75 -0.63 -14.36
N TRP B 415 12.30 0.27 -13.51
CA TRP B 415 11.52 1.42 -13.08
C TRP B 415 12.31 2.66 -12.73
N LEU B 416 11.60 3.78 -12.66
CA LEU B 416 12.12 5.08 -12.24
C LEU B 416 11.33 5.43 -11.00
N ARG B 417 11.86 6.32 -10.18
CA ARG B 417 11.16 6.78 -8.98
C ARG B 417 11.46 8.27 -8.77
N ALA B 418 10.44 9.04 -8.41
CA ALA B 418 10.60 10.48 -8.16
C ALA B 418 9.52 10.93 -7.18
N GLY B 419 9.85 11.92 -6.38
CA GLY B 419 8.95 12.44 -5.36
C GLY B 419 8.93 13.94 -5.21
N ALA B 420 8.29 14.43 -4.15
CA ALA B 420 8.11 15.85 -3.89
C ALA B 420 7.87 16.06 -2.41
N GLY B 421 8.22 17.24 -1.92
CA GLY B 421 7.95 17.61 -0.54
C GLY B 421 6.50 18.05 -0.43
N ILE B 422 5.76 17.41 0.44
CA ILE B 422 4.33 17.68 0.63
C ILE B 422 4.16 18.51 1.88
N ILE B 423 3.54 19.67 1.74
CA ILE B 423 3.22 20.59 2.85
C ILE B 423 1.70 20.83 2.92
N GLU B 424 1.20 21.53 3.95
CA GLU B 424 -0.24 21.77 4.13
C GLU B 424 -0.94 22.37 2.89
N GLU B 425 -0.23 23.24 2.17
CA GLU B 425 -0.74 23.96 0.99
C GLU B 425 -0.60 23.15 -0.30
N SER B 426 0.04 21.97 -0.25
CA SER B 426 0.24 21.12 -1.45
C SER B 426 -1.05 20.74 -2.14
N GLU B 427 -1.03 20.74 -3.48
CA GLU B 427 -2.16 20.32 -4.28
C GLU B 427 -1.74 19.04 -5.00
N PRO B 428 -2.50 17.92 -4.83
CA PRO B 428 -2.10 16.65 -5.47
C PRO B 428 -1.72 16.73 -6.95
N GLU B 429 -2.51 17.47 -7.78
CA GLU B 429 -2.23 17.64 -9.21
C GLU B 429 -0.92 18.35 -9.48
N ARG B 430 -0.65 19.42 -8.73
CA ARG B 430 0.58 20.20 -8.86
C ARG B 430 1.80 19.36 -8.43
N GLU B 431 1.64 18.53 -7.39
CA GLU B 431 2.74 17.69 -6.89
C GLU B 431 3.01 16.54 -7.83
N PHE B 432 1.94 16.02 -8.48
CA PHE B 432 2.09 14.97 -9.50
C PHE B 432 2.91 15.56 -10.68
N GLU B 433 2.60 16.81 -11.07
CA GLU B 433 3.33 17.53 -12.14
C GLU B 433 4.79 17.74 -11.76
N GLU B 434 5.06 18.06 -10.47
CA GLU B 434 6.41 18.23 -9.91
C GLU B 434 7.24 16.94 -10.09
N THR B 435 6.62 15.76 -9.86
CA THR B 435 7.31 14.48 -10.07
C THR B 435 7.63 14.30 -11.54
N CYS B 436 6.73 14.75 -12.45
CA CYS B 436 6.95 14.69 -13.90
C CYS B 436 8.17 15.51 -14.28
N GLU B 437 8.33 16.71 -13.67
CA GLU B 437 9.47 17.60 -13.90
C GLU B 437 10.77 16.93 -13.40
N LYS B 438 10.73 16.32 -12.22
CA LYS B 438 11.87 15.60 -11.66
C LYS B 438 12.29 14.44 -12.54
N LEU B 439 11.29 13.67 -13.06
CA LEU B 439 11.53 12.55 -13.97
C LEU B 439 12.15 12.97 -15.29
N SER B 440 11.83 14.21 -15.77
CA SER B 440 12.34 14.76 -17.05
C SER B 440 13.86 14.92 -17.16
N THR B 441 14.60 14.70 -16.07
CA THR B 441 16.07 14.75 -16.13
C THR B 441 16.61 13.35 -16.52
N LEU B 442 15.74 12.34 -16.57
CA LEU B 442 16.12 10.98 -16.94
C LEU B 442 15.34 10.46 -18.12
N THR B 443 14.02 10.72 -18.14
CA THR B 443 13.12 10.24 -19.20
C THR B 443 13.54 10.49 -20.66
N PRO B 444 14.18 11.63 -21.03
CA PRO B 444 14.59 11.80 -22.45
C PRO B 444 15.85 11.02 -22.81
N TYR B 445 16.48 10.32 -21.83
CA TYR B 445 17.76 9.66 -22.01
C TYR B 445 17.80 8.14 -21.87
N LEU B 446 16.66 7.45 -21.95
CA LEU B 446 16.63 6.00 -21.77
C LEU B 446 16.98 5.24 -23.04
N VAL B 447 18.11 4.53 -23.01
CA VAL B 447 18.57 3.75 -24.16
C VAL B 447 18.11 2.31 -23.94
N ALA B 448 17.23 1.81 -24.83
CA ALA B 448 16.70 0.45 -24.74
C ALA B 448 17.80 -0.58 -25.00
N ARG B 449 17.75 -1.76 -24.33
CA ARG B 449 18.68 -2.88 -24.63
C ARG B 449 18.39 -3.31 -26.08
N GLN B 450 19.43 -3.72 -26.81
CA GLN B 450 19.47 -4.16 -28.21
C GLN B 450 18.55 -3.42 -29.16
#